data_5DWK
#
_entry.id   5DWK
#
_cell.length_a   75.290
_cell.length_b   91.570
_cell.length_c   143.720
_cell.angle_alpha   90.00
_cell.angle_beta   90.00
_cell.angle_gamma   90.00
#
_symmetry.space_group_name_H-M   'P 21 21 21'
#
loop_
_entity.id
_entity.type
_entity.pdbx_description
1 polymer 'Diacylglycerol kinase'
2 non-polymer (2R)-2,3-DIHYDROXYPROPYL(7Z)-PENTADEC-7-ENOATE
3 non-polymer (2S)-2,3-DIHYDROXYPROPYL(7Z)-PENTADEC-7-ENOATE
4 non-polymer 'SODIUM ION'
5 non-polymer 'ZINC ION'
6 non-polymer 'CITRIC ACID'
7 non-polymer 'ACETATE ION'
8 water water
#
_entity_poly.entity_id   1
_entity_poly.type   'polypeptide(L)'
_entity_poly.pdbx_seq_one_letter_code
;GHHHHHHELANNTTGFTRIIKAAGYSWKGLRAAWINEAAFRQEGVAVLLCVVIAAWLDVDAVTRVLLISSVMLVMIVELL
NSAIEAVVDRIGSEYHELSGRAKDLGSAAVLIAIIDAVITWAILLWSHFG
;
_entity_poly.pdbx_strand_id   A,B,C,D,E,F
#
loop_
_chem_comp.id
_chem_comp.type
_chem_comp.name
_chem_comp.formula
78M non-polymer (2S)-2,3-DIHYDROXYPROPYL(7Z)-PENTADEC-7-ENOATE 'C18 H34 O4'
78N non-polymer (2R)-2,3-DIHYDROXYPROPYL(7Z)-PENTADEC-7-ENOATE 'C18 H34 O4'
ACT non-polymer 'ACETATE ION' 'C2 H3 O2 -1'
CIT non-polymer 'CITRIC ACID' 'C6 H8 O7'
NA non-polymer 'SODIUM ION' 'Na 1'
ZN non-polymer 'ZINC ION' 'Zn 2'
#
# COMPACT_ATOMS: atom_id res chain seq x y z
N TRP A 34 14.75 -3.68 12.54
CA TRP A 34 15.11 -3.90 13.94
C TRP A 34 15.35 -2.57 14.64
N ILE A 35 16.31 -1.82 14.13
CA ILE A 35 16.53 -0.46 14.60
C ILE A 35 16.02 0.50 13.54
N ASN A 36 14.74 0.84 13.62
CA ASN A 36 14.07 1.67 12.63
C ASN A 36 14.46 3.15 12.77
N GLU A 37 15.48 3.41 13.56
CA GLU A 37 15.92 4.78 13.79
C GLU A 37 17.29 5.04 13.16
N ALA A 38 17.39 4.85 11.84
CA ALA A 38 18.62 5.14 11.11
C ALA A 38 18.35 5.29 9.60
N ALA A 39 19.10 4.56 8.79
CA ALA A 39 18.96 4.63 7.33
C ALA A 39 17.96 3.61 6.83
N PHE A 40 17.37 2.87 7.76
CA PHE A 40 16.28 1.97 7.46
C PHE A 40 14.99 2.76 7.31
N ARG A 41 15.02 4.02 7.75
CA ARG A 41 13.88 4.90 7.62
C ARG A 41 13.54 5.10 6.16
N GLN A 42 14.49 5.63 5.40
CA GLN A 42 14.28 5.93 3.99
C GLN A 42 13.96 4.66 3.19
N GLU A 43 14.71 3.60 3.45
CA GLU A 43 14.47 2.34 2.79
C GLU A 43 13.06 1.84 3.13
N GLY A 44 12.71 1.94 4.40
CA GLY A 44 11.45 1.38 4.86
C GLY A 44 10.21 2.17 4.49
N VAL A 45 10.35 3.47 4.27
CA VAL A 45 9.18 4.26 3.88
C VAL A 45 8.95 4.12 2.39
N ALA A 46 10.01 4.00 1.61
CA ALA A 46 9.88 3.73 0.20
C ALA A 46 9.09 2.43 0.01
N VAL A 47 9.47 1.40 0.75
CA VAL A 47 8.78 0.12 0.68
C VAL A 47 7.33 0.27 1.14
N LEU A 48 7.15 0.89 2.30
CA LEU A 48 5.83 1.07 2.89
C LEU A 48 4.88 1.83 1.98
N LEU A 49 5.41 2.89 1.34
CA LEU A 49 4.62 3.73 0.44
C LEU A 49 4.16 2.94 -0.78
N CYS A 50 5.04 2.06 -1.28
CA CYS A 50 4.71 1.22 -2.42
C CYS A 50 3.62 0.20 -2.06
N VAL A 51 3.70 -0.36 -0.85
CA VAL A 51 2.66 -1.27 -0.40
C VAL A 51 1.32 -0.53 -0.33
N VAL A 52 1.35 0.68 0.21
CA VAL A 52 0.15 1.48 0.31
C VAL A 52 -0.42 1.79 -1.08
N ILE A 53 0.44 2.18 -2.01
CA ILE A 53 -0.01 2.47 -3.37
C ILE A 53 -0.59 1.21 -4.02
N ALA A 54 0.09 0.09 -3.85
CA ALA A 54 -0.35 -1.18 -4.41
C ALA A 54 -1.70 -1.60 -3.82
N ALA A 55 -1.93 -1.21 -2.57
CA ALA A 55 -3.18 -1.55 -1.88
C ALA A 55 -4.37 -0.79 -2.45
N TRP A 56 -4.10 0.34 -3.10
CA TRP A 56 -5.17 1.21 -3.58
C TRP A 56 -5.42 1.07 -5.09
N LEU A 57 -4.45 0.54 -5.80
CA LEU A 57 -4.51 0.39 -7.25
C LEU A 57 -5.68 -0.50 -7.70
N ASP A 58 -6.25 -0.19 -8.85
CA ASP A 58 -7.34 -0.99 -9.39
C ASP A 58 -6.75 -2.07 -10.31
N VAL A 59 -6.17 -3.09 -9.69
CA VAL A 59 -5.58 -4.23 -10.39
C VAL A 59 -6.19 -5.52 -9.88
N ASP A 60 -6.00 -6.63 -10.59
CA ASP A 60 -6.51 -7.91 -10.09
C ASP A 60 -5.64 -8.39 -8.91
N ALA A 61 -6.12 -9.42 -8.21
CA ALA A 61 -5.48 -9.91 -7.00
C ALA A 61 -4.05 -10.40 -7.20
N VAL A 62 -3.82 -11.11 -8.29
CA VAL A 62 -2.51 -11.67 -8.60
C VAL A 62 -1.49 -10.55 -8.81
N THR A 63 -1.88 -9.54 -9.57
CA THR A 63 -1.03 -8.38 -9.81
C THR A 63 -0.69 -7.66 -8.50
N ARG A 64 -1.71 -7.49 -7.65
CA ARG A 64 -1.55 -6.79 -6.39
C ARG A 64 -0.54 -7.51 -5.50
N VAL A 65 -0.59 -8.83 -5.52
CA VAL A 65 0.31 -9.65 -4.74
C VAL A 65 1.75 -9.47 -5.24
N LEU A 66 1.93 -9.47 -6.55
CA LEU A 66 3.26 -9.29 -7.12
C LEU A 66 3.85 -7.91 -6.82
N LEU A 67 3.03 -6.87 -6.94
CA LEU A 67 3.47 -5.51 -6.63
C LEU A 67 3.94 -5.39 -5.16
N ILE A 68 3.19 -5.99 -4.25
CA ILE A 68 3.47 -5.88 -2.82
C ILE A 68 4.68 -6.74 -2.41
N SER A 69 4.75 -7.97 -2.90
CA SER A 69 5.81 -8.89 -2.50
C SER A 69 7.19 -8.52 -3.08
N SER A 70 7.21 -7.93 -4.28
CA SER A 70 8.48 -7.51 -4.89
C SER A 70 9.16 -6.40 -4.09
N VAL A 71 8.39 -5.46 -3.53
CA VAL A 71 9.01 -4.41 -2.72
C VAL A 71 9.29 -4.97 -1.34
N MET A 72 8.46 -5.92 -0.93
CA MET A 72 8.63 -6.58 0.35
C MET A 72 9.97 -7.34 0.38
N LEU A 73 10.30 -7.95 -0.76
CA LEU A 73 11.53 -8.71 -0.89
C LEU A 73 12.75 -7.80 -0.74
N VAL A 74 12.66 -6.57 -1.27
CA VAL A 74 13.74 -5.58 -1.15
C VAL A 74 14.05 -5.32 0.33
N MET A 75 13.01 -5.17 1.14
CA MET A 75 13.16 -4.96 2.58
C MET A 75 13.80 -6.16 3.25
N ILE A 76 13.38 -7.36 2.86
CA ILE A 76 13.91 -8.59 3.41
C ILE A 76 15.40 -8.69 3.14
N VAL A 77 15.76 -8.53 1.87
CA VAL A 77 17.15 -8.64 1.44
C VAL A 77 18.02 -7.55 2.08
N GLU A 78 17.50 -6.33 2.20
CA GLU A 78 18.23 -5.26 2.89
C GLU A 78 18.49 -5.62 4.35
N LEU A 79 17.47 -6.16 5.03
CA LEU A 79 17.60 -6.62 6.42
C LEU A 79 18.67 -7.72 6.56
N LEU A 80 18.67 -8.69 5.65
CA LEU A 80 19.66 -9.75 5.68
C LEU A 80 21.05 -9.22 5.38
N ASN A 81 21.11 -8.27 4.45
CA ASN A 81 22.38 -7.65 4.10
C ASN A 81 22.96 -6.90 5.31
N SER A 82 22.10 -6.16 6.01
CA SER A 82 22.55 -5.41 7.17
C SER A 82 23.01 -6.34 8.27
N ALA A 83 22.35 -7.49 8.39
CA ALA A 83 22.71 -8.49 9.38
C ALA A 83 24.12 -9.02 9.12
N ILE A 84 24.41 -9.33 7.87
CA ILE A 84 25.74 -9.82 7.49
C ILE A 84 26.80 -8.76 7.80
N GLU A 85 26.50 -7.51 7.45
CA GLU A 85 27.40 -6.40 7.73
C GLU A 85 27.67 -6.27 9.23
N ALA A 86 26.65 -6.56 10.03
CA ALA A 86 26.78 -6.50 11.47
C ALA A 86 27.74 -7.58 11.96
N VAL A 87 27.64 -8.78 11.39
CA VAL A 87 28.52 -9.88 11.76
C VAL A 87 29.96 -9.54 11.38
N VAL A 88 30.17 -8.99 10.18
CA VAL A 88 31.50 -8.60 9.74
C VAL A 88 32.11 -7.59 10.70
N ASP A 89 31.33 -6.57 11.07
CA ASP A 89 31.83 -5.53 11.96
C ASP A 89 32.05 -6.08 13.38
N ARG A 90 31.29 -7.11 13.73
CA ARG A 90 31.43 -7.81 15.01
C ARG A 90 32.81 -8.45 15.16
N ILE A 91 33.35 -8.97 14.07
CA ILE A 91 34.63 -9.67 14.11
C ILE A 91 35.75 -8.68 14.43
N GLY A 92 35.66 -7.45 13.94
CA GLY A 92 36.67 -6.45 14.22
C GLY A 92 36.78 -5.34 13.19
N SER A 93 37.65 -4.38 13.45
CA SER A 93 37.83 -3.26 12.52
C SER A 93 38.97 -3.55 11.53
N GLU A 94 39.85 -4.49 11.88
CA GLU A 94 40.94 -4.88 10.97
C GLU A 94 40.38 -5.40 9.65
N TYR A 95 40.78 -4.75 8.56
CA TYR A 95 40.23 -5.12 7.26
C TYR A 95 40.76 -6.46 6.77
N HIS A 96 39.91 -7.16 6.03
CA HIS A 96 40.25 -8.44 5.43
C HIS A 96 39.51 -8.52 4.10
N GLU A 97 40.15 -9.12 3.11
CA GLU A 97 39.55 -9.23 1.78
C GLU A 97 38.16 -9.86 1.82
N LEU A 98 37.98 -10.93 2.61
CA LEU A 98 36.71 -11.63 2.68
C LEU A 98 35.66 -10.80 3.40
N SER A 99 36.09 -9.87 4.24
CA SER A 99 35.16 -8.99 4.92
C SER A 99 34.53 -8.06 3.89
N GLY A 100 35.35 -7.42 3.08
CA GLY A 100 34.84 -6.60 2.00
C GLY A 100 33.99 -7.39 1.02
N ARG A 101 34.45 -8.60 0.68
CA ARG A 101 33.71 -9.46 -0.24
C ARG A 101 32.31 -9.77 0.28
N ALA A 102 32.21 -10.16 1.55
CA ALA A 102 30.91 -10.48 2.16
C ALA A 102 29.97 -9.29 2.06
N LYS A 103 30.48 -8.09 2.36
CA LYS A 103 29.67 -6.88 2.26
C LYS A 103 29.30 -6.56 0.81
N ASP A 104 30.23 -6.78 -0.12
CA ASP A 104 29.99 -6.51 -1.53
C ASP A 104 28.92 -7.45 -2.09
N LEU A 105 29.02 -8.72 -1.70
CA LEU A 105 28.06 -9.75 -2.07
C LEU A 105 26.67 -9.42 -1.55
N GLY A 106 26.60 -8.94 -0.31
CA GLY A 106 25.34 -8.58 0.32
C GLY A 106 24.67 -7.45 -0.42
N SER A 107 25.46 -6.45 -0.84
CA SER A 107 24.95 -5.32 -1.60
C SER A 107 24.44 -5.76 -2.96
N ALA A 108 25.18 -6.63 -3.62
CA ALA A 108 24.81 -7.11 -4.95
C ALA A 108 23.45 -7.78 -4.89
N ALA A 109 23.20 -8.50 -3.80
CA ALA A 109 21.91 -9.14 -3.59
C ALA A 109 20.77 -8.10 -3.47
N VAL A 110 21.05 -7.02 -2.77
CA VAL A 110 20.09 -5.94 -2.62
C VAL A 110 19.79 -5.33 -3.99
N LEU A 111 20.85 -5.13 -4.77
CA LEU A 111 20.72 -4.59 -6.13
C LEU A 111 19.82 -5.44 -7.01
N ILE A 112 20.02 -6.76 -6.98
CA ILE A 112 19.23 -7.68 -7.80
C ILE A 112 17.76 -7.62 -7.36
N ALA A 113 17.53 -7.52 -6.06
CA ALA A 113 16.17 -7.41 -5.53
C ALA A 113 15.51 -6.11 -6.00
N ILE A 114 16.26 -5.01 -6.00
CA ILE A 114 15.72 -3.75 -6.44
C ILE A 114 15.40 -3.80 -7.94
N ILE A 115 16.30 -4.37 -8.73
CA ILE A 115 16.07 -4.52 -10.16
C ILE A 115 14.85 -5.40 -10.41
N ASP A 116 14.66 -6.44 -9.59
CA ASP A 116 13.51 -7.30 -9.71
C ASP A 116 12.19 -6.57 -9.39
N ALA A 117 12.24 -5.65 -8.44
CA ALA A 117 11.04 -4.89 -8.07
C ALA A 117 10.67 -3.89 -9.16
N VAL A 118 11.67 -3.18 -9.70
CA VAL A 118 11.44 -2.22 -10.78
C VAL A 118 10.88 -2.90 -12.03
N ILE A 119 11.47 -4.04 -12.38
CA ILE A 119 11.01 -4.82 -13.52
C ILE A 119 9.57 -5.27 -13.32
N THR A 120 9.28 -5.75 -12.12
CA THR A 120 7.95 -6.24 -11.78
C THR A 120 6.89 -5.14 -11.97
N TRP A 121 7.13 -3.99 -11.34
CA TRP A 121 6.21 -2.87 -11.40
C TRP A 121 6.07 -2.33 -12.83
N ALA A 122 7.19 -2.31 -13.56
CA ALA A 122 7.18 -1.84 -14.95
C ALA A 122 6.30 -2.74 -15.83
N ILE A 123 6.51 -4.06 -15.73
CA ILE A 123 5.79 -5.00 -16.56
C ILE A 123 4.30 -4.97 -16.25
N LEU A 124 3.96 -4.98 -14.97
CA LEU A 124 2.56 -5.04 -14.55
C LEU A 124 1.75 -3.75 -14.75
N LEU A 125 2.41 -2.61 -14.50
CA LEU A 125 1.77 -1.31 -14.60
C LEU A 125 1.83 -0.66 -15.98
N TRP A 126 2.67 -1.19 -16.86
CA TRP A 126 2.83 -0.62 -18.21
C TRP A 126 1.52 -0.47 -18.96
N SER A 127 0.52 -1.28 -18.63
CA SER A 127 -0.81 -1.13 -19.22
C SER A 127 -1.48 0.17 -18.76
N HIS A 128 -1.41 0.45 -17.46
CA HIS A 128 -2.02 1.64 -16.88
C HIS A 128 -1.46 2.93 -17.48
N PHE B 16 21.96 11.04 -2.30
CA PHE B 16 22.12 10.04 -3.35
C PHE B 16 23.53 9.45 -3.34
N THR B 17 24.39 10.00 -2.49
CA THR B 17 25.79 9.55 -2.39
C THR B 17 25.88 8.15 -1.79
N ARG B 18 24.90 7.79 -0.98
CA ARG B 18 24.85 6.47 -0.35
C ARG B 18 24.61 5.40 -1.40
N ILE B 19 23.70 5.70 -2.32
CA ILE B 19 23.33 4.78 -3.39
C ILE B 19 24.48 4.61 -4.38
N ILE B 20 25.26 5.68 -4.55
CA ILE B 20 26.44 5.62 -5.41
C ILE B 20 27.46 4.63 -4.85
N LYS B 21 27.83 4.81 -3.59
CA LYS B 21 28.78 3.91 -2.95
C LYS B 21 28.25 2.48 -2.90
N ALA B 22 26.94 2.35 -2.67
CA ALA B 22 26.29 1.04 -2.61
C ALA B 22 26.28 0.36 -3.97
N ALA B 23 26.06 1.15 -5.02
CA ALA B 23 26.15 0.64 -6.38
C ALA B 23 27.54 0.09 -6.64
N GLY B 24 28.57 0.79 -6.14
CA GLY B 24 29.95 0.38 -6.30
C GLY B 24 30.32 -0.92 -5.61
N TYR B 25 29.86 -1.08 -4.36
CA TYR B 25 30.05 -2.34 -3.63
C TYR B 25 29.39 -3.47 -4.40
N SER B 26 28.22 -3.20 -4.98
CA SER B 26 27.44 -4.21 -5.70
C SER B 26 28.19 -4.74 -6.91
N TRP B 27 28.71 -3.83 -7.71
CA TRP B 27 29.47 -4.21 -8.89
C TRP B 27 30.68 -5.05 -8.50
N LYS B 28 31.39 -4.60 -7.46
CA LYS B 28 32.48 -5.38 -6.86
C LYS B 28 32.03 -6.81 -6.48
N GLY B 29 30.81 -6.92 -5.96
CA GLY B 29 30.30 -8.21 -5.53
C GLY B 29 30.02 -9.15 -6.69
N LEU B 30 29.35 -8.61 -7.71
CA LEU B 30 29.04 -9.38 -8.90
C LEU B 30 30.32 -9.81 -9.58
N ARG B 31 31.25 -8.86 -9.69
CA ARG B 31 32.52 -9.06 -10.38
C ARG B 31 33.34 -10.18 -9.75
N ALA B 32 33.51 -10.15 -8.43
CA ALA B 32 34.29 -11.16 -7.73
C ALA B 32 33.63 -12.54 -7.82
N ALA B 33 32.30 -12.58 -7.64
CA ALA B 33 31.55 -13.83 -7.77
C ALA B 33 31.80 -14.45 -9.14
N TRP B 34 31.76 -13.60 -10.16
CA TRP B 34 31.91 -14.02 -11.55
C TRP B 34 33.34 -14.50 -11.84
N ILE B 35 34.31 -13.67 -11.52
CA ILE B 35 35.72 -13.99 -11.74
C ILE B 35 36.15 -15.27 -11.01
N ASN B 36 35.61 -15.50 -9.81
CA ASN B 36 36.13 -16.55 -8.93
C ASN B 36 35.60 -17.98 -9.18
N GLU B 37 34.39 -18.12 -9.70
CA GLU B 37 33.82 -19.46 -9.93
C GLU B 37 33.10 -19.63 -11.26
N ALA B 38 33.50 -20.66 -12.00
CA ALA B 38 32.79 -21.06 -13.22
C ALA B 38 31.32 -21.39 -12.93
N ALA B 39 31.06 -22.07 -11.81
CA ALA B 39 29.70 -22.45 -11.44
C ALA B 39 28.83 -21.21 -11.33
N PHE B 40 29.37 -20.14 -10.77
CA PHE B 40 28.62 -18.89 -10.67
C PHE B 40 28.40 -18.27 -12.06
N ARG B 41 29.41 -18.37 -12.91
CA ARG B 41 29.30 -17.82 -14.25
C ARG B 41 28.24 -18.58 -15.05
N GLN B 42 28.26 -19.90 -14.95
CA GLN B 42 27.30 -20.73 -15.66
C GLN B 42 25.89 -20.54 -15.12
N GLU B 43 25.79 -20.32 -13.82
CA GLU B 43 24.51 -19.98 -13.24
C GLU B 43 24.01 -18.62 -13.76
N GLY B 44 24.93 -17.66 -13.88
CA GLY B 44 24.60 -16.34 -14.43
C GLY B 44 24.09 -16.42 -15.86
N VAL B 45 24.78 -17.19 -16.69
CA VAL B 45 24.29 -17.50 -18.03
C VAL B 45 22.87 -18.06 -17.99
N ALA B 46 22.62 -19.03 -17.11
CA ALA B 46 21.31 -19.67 -17.04
C ALA B 46 20.22 -18.64 -16.73
N VAL B 47 20.43 -17.84 -15.70
CA VAL B 47 19.46 -16.83 -15.30
C VAL B 47 19.17 -15.85 -16.44
N LEU B 48 20.24 -15.30 -17.02
CA LEU B 48 20.11 -14.35 -18.12
C LEU B 48 19.36 -14.94 -19.31
N LEU B 49 19.65 -16.19 -19.65
CA LEU B 49 18.94 -16.88 -20.72
C LEU B 49 17.46 -17.02 -20.39
N CYS B 50 17.14 -17.28 -19.12
CA CYS B 50 15.75 -17.41 -18.69
C CYS B 50 15.01 -16.07 -18.71
N VAL B 51 15.69 -15.00 -18.33
CA VAL B 51 15.07 -13.69 -18.35
C VAL B 51 14.73 -13.29 -19.80
N VAL B 52 15.67 -13.51 -20.71
CA VAL B 52 15.48 -13.17 -22.12
C VAL B 52 14.35 -13.98 -22.75
N ILE B 53 14.33 -15.29 -22.49
CA ILE B 53 13.24 -16.15 -22.94
C ILE B 53 11.90 -15.68 -22.37
N ALA B 54 11.88 -15.40 -21.07
CA ALA B 54 10.67 -14.90 -20.43
C ALA B 54 10.21 -13.59 -21.08
N ALA B 55 11.17 -12.79 -21.53
CA ALA B 55 10.88 -11.48 -22.10
C ALA B 55 10.25 -11.59 -23.48
N TRP B 56 10.41 -12.73 -24.13
CA TRP B 56 9.96 -12.89 -25.51
C TRP B 56 8.82 -13.89 -25.65
N LEU B 57 8.48 -14.58 -24.57
CA LEU B 57 7.38 -15.53 -24.59
C LEU B 57 6.04 -14.81 -24.77
N ASP B 58 5.12 -15.48 -25.45
CA ASP B 58 3.75 -14.98 -25.58
C ASP B 58 2.94 -15.39 -24.36
N VAL B 59 3.16 -14.69 -23.24
CA VAL B 59 2.42 -14.95 -22.01
C VAL B 59 1.90 -13.64 -21.42
N ASP B 60 0.92 -13.75 -20.54
CA ASP B 60 0.42 -12.58 -19.81
C ASP B 60 1.50 -11.96 -18.92
N ALA B 61 1.26 -10.71 -18.50
CA ALA B 61 2.22 -9.94 -17.72
C ALA B 61 2.60 -10.63 -16.40
N VAL B 62 1.60 -11.17 -15.74
CA VAL B 62 1.75 -11.87 -14.48
C VAL B 62 2.68 -13.08 -14.59
N THR B 63 2.47 -13.91 -15.60
CA THR B 63 3.26 -15.10 -15.81
C THR B 63 4.70 -14.71 -16.10
N ARG B 64 4.86 -13.68 -16.91
CA ARG B 64 6.18 -13.16 -17.25
C ARG B 64 6.96 -12.74 -16.00
N VAL B 65 6.27 -12.07 -15.07
CA VAL B 65 6.91 -11.62 -13.85
C VAL B 65 7.34 -12.82 -12.98
N LEU B 66 6.49 -13.85 -12.90
CA LEU B 66 6.84 -15.06 -12.13
C LEU B 66 8.06 -15.80 -12.70
N LEU B 67 8.12 -15.90 -14.03
CA LEU B 67 9.26 -16.50 -14.69
C LEU B 67 10.54 -15.73 -14.37
N ILE B 68 10.45 -14.40 -14.38
CA ILE B 68 11.63 -13.58 -14.16
C ILE B 68 12.03 -13.57 -12.68
N SER B 69 11.06 -13.31 -11.80
N SER B 69 11.07 -13.32 -11.79
CA SER B 69 11.34 -13.20 -10.37
CA SER B 69 11.40 -13.18 -10.37
C SER B 69 11.90 -14.50 -9.77
C SER B 69 11.83 -14.50 -9.71
N SER B 70 11.44 -15.63 -10.26
CA SER B 70 11.85 -16.93 -9.71
C SER B 70 13.36 -17.19 -9.92
N VAL B 71 13.87 -16.96 -11.13
CA VAL B 71 15.29 -17.16 -11.40
C VAL B 71 16.11 -16.02 -10.82
N MET B 72 15.50 -14.86 -10.64
CA MET B 72 16.23 -13.77 -10.02
C MET B 72 16.34 -13.99 -8.50
N LEU B 73 15.32 -14.60 -7.90
CA LEU B 73 15.40 -14.96 -6.49
C LEU B 73 16.58 -15.92 -6.29
N VAL B 74 16.75 -16.83 -7.25
CA VAL B 74 17.89 -17.73 -7.23
C VAL B 74 19.20 -16.96 -7.12
N MET B 75 19.33 -15.88 -7.89
CA MET B 75 20.56 -15.09 -7.89
C MET B 75 20.73 -14.37 -6.56
N ILE B 76 19.63 -13.84 -6.03
CA ILE B 76 19.63 -13.15 -4.75
C ILE B 76 20.11 -14.06 -3.62
N VAL B 77 19.58 -15.28 -3.58
CA VAL B 77 19.89 -16.21 -2.49
C VAL B 77 21.31 -16.75 -2.65
N GLU B 78 21.72 -17.02 -3.87
CA GLU B 78 23.09 -17.40 -4.18
C GLU B 78 24.08 -16.38 -3.60
N LEU B 79 23.79 -15.10 -3.82
CA LEU B 79 24.69 -14.04 -3.37
C LEU B 79 24.69 -13.88 -1.85
N LEU B 80 23.51 -13.94 -1.22
CA LEU B 80 23.45 -13.84 0.23
C LEU B 80 24.18 -15.00 0.90
N ASN B 81 24.00 -16.19 0.34
CA ASN B 81 24.68 -17.37 0.83
C ASN B 81 26.20 -17.23 0.65
N SER B 82 26.61 -16.70 -0.49
CA SER B 82 28.04 -16.52 -0.75
C SER B 82 28.63 -15.51 0.23
N ALA B 83 27.86 -14.48 0.54
CA ALA B 83 28.25 -13.51 1.57
C ALA B 83 28.52 -14.21 2.90
N ILE B 84 27.63 -15.15 3.27
CA ILE B 84 27.77 -15.88 4.51
C ILE B 84 29.00 -16.81 4.49
N GLU B 85 29.23 -17.47 3.36
CA GLU B 85 30.44 -18.29 3.20
C GLU B 85 31.69 -17.44 3.42
N ALA B 86 31.69 -16.23 2.87
CA ALA B 86 32.84 -15.34 3.00
C ALA B 86 33.11 -14.98 4.47
N VAL B 87 32.06 -14.71 5.23
CA VAL B 87 32.19 -14.41 6.65
C VAL B 87 32.80 -15.62 7.38
N VAL B 88 32.24 -16.79 7.12
CA VAL B 88 32.72 -18.02 7.75
C VAL B 88 34.19 -18.24 7.43
N ASP B 89 34.53 -18.15 6.14
CA ASP B 89 35.91 -18.33 5.72
C ASP B 89 36.83 -17.24 6.31
N ARG B 90 36.28 -16.06 6.53
CA ARG B 90 36.98 -14.95 7.15
C ARG B 90 37.42 -15.27 8.58
N ILE B 91 36.55 -15.98 9.31
CA ILE B 91 36.85 -16.33 10.68
C ILE B 91 37.96 -17.39 10.71
N GLY B 92 37.95 -18.27 9.71
CA GLY B 92 38.93 -19.34 9.62
C GLY B 92 38.33 -20.72 9.78
N HIS B 96 34.42 -25.17 14.82
CA HIS B 96 33.88 -24.90 13.50
C HIS B 96 32.70 -25.82 13.16
N GLU B 97 32.06 -26.36 14.19
CA GLU B 97 30.83 -27.13 14.01
C GLU B 97 29.73 -26.20 13.50
N LEU B 98 29.69 -24.99 14.06
CA LEU B 98 28.74 -23.97 13.63
C LEU B 98 29.16 -23.38 12.28
N SER B 99 30.45 -23.46 11.96
CA SER B 99 30.93 -23.05 10.65
C SER B 99 30.27 -23.91 9.58
N GLY B 100 30.34 -25.23 9.77
CA GLY B 100 29.73 -26.17 8.85
C GLY B 100 28.22 -26.03 8.80
N ARG B 101 27.61 -25.81 9.97
CA ARG B 101 26.17 -25.62 10.09
C ARG B 101 25.70 -24.39 9.34
N ALA B 102 26.47 -23.30 9.44
CA ALA B 102 26.12 -22.07 8.75
C ALA B 102 26.13 -22.28 7.24
N LYS B 103 27.15 -22.95 6.73
CA LYS B 103 27.21 -23.21 5.29
C LYS B 103 26.13 -24.19 4.86
N ASP B 104 25.78 -25.12 5.74
CA ASP B 104 24.75 -26.10 5.44
C ASP B 104 23.38 -25.45 5.33
N LEU B 105 23.04 -24.60 6.29
CA LEU B 105 21.77 -23.89 6.28
C LEU B 105 21.69 -22.99 5.05
N GLY B 106 22.78 -22.29 4.75
CA GLY B 106 22.84 -21.43 3.59
C GLY B 106 22.65 -22.15 2.26
N SER B 107 23.23 -23.34 2.12
CA SER B 107 23.17 -24.08 0.87
C SER B 107 21.79 -24.65 0.64
N ALA B 108 21.14 -25.08 1.70
CA ALA B 108 19.77 -25.56 1.63
C ALA B 108 18.89 -24.45 1.02
N ALA B 109 19.08 -23.23 1.52
CA ALA B 109 18.35 -22.07 1.05
C ALA B 109 18.49 -21.88 -0.46
N VAL B 110 19.73 -21.99 -0.93
CA VAL B 110 20.02 -21.89 -2.35
C VAL B 110 19.24 -22.96 -3.12
N LEU B 111 19.29 -24.18 -2.63
CA LEU B 111 18.66 -25.30 -3.30
C LEU B 111 17.14 -25.17 -3.37
N ILE B 112 16.52 -24.69 -2.29
CA ILE B 112 15.08 -24.46 -2.31
C ILE B 112 14.72 -23.47 -3.39
N ALA B 113 15.48 -22.38 -3.45
CA ALA B 113 15.26 -21.34 -4.45
C ALA B 113 15.36 -21.90 -5.87
N ILE B 114 16.39 -22.70 -6.12
CA ILE B 114 16.61 -23.28 -7.44
C ILE B 114 15.49 -24.25 -7.80
N ILE B 115 15.15 -25.15 -6.89
CA ILE B 115 14.08 -26.14 -7.12
C ILE B 115 12.73 -25.45 -7.38
N ASP B 116 12.44 -24.42 -6.61
CA ASP B 116 11.23 -23.62 -6.81
C ASP B 116 11.18 -22.97 -8.19
N ALA B 117 12.31 -22.43 -8.63
CA ALA B 117 12.36 -21.80 -9.95
C ALA B 117 12.06 -22.81 -11.05
N VAL B 118 12.68 -23.98 -10.95
CA VAL B 118 12.52 -25.03 -11.94
C VAL B 118 11.08 -25.49 -12.00
N ILE B 119 10.49 -25.72 -10.84
CA ILE B 119 9.09 -26.16 -10.77
C ILE B 119 8.18 -25.07 -11.32
N THR B 120 8.42 -23.83 -10.89
CA THR B 120 7.65 -22.67 -11.35
C THR B 120 7.66 -22.57 -12.87
N TRP B 121 8.83 -22.78 -13.45
CA TRP B 121 8.96 -22.74 -14.90
C TRP B 121 8.24 -23.91 -15.56
N ALA B 122 8.26 -25.07 -14.91
CA ALA B 122 7.63 -26.26 -15.48
C ALA B 122 6.11 -26.14 -15.44
N ILE B 123 5.58 -25.71 -14.30
CA ILE B 123 4.15 -25.49 -14.12
C ILE B 123 3.62 -24.51 -15.17
N LEU B 124 4.22 -23.33 -15.20
CA LEU B 124 3.74 -22.23 -16.03
C LEU B 124 3.87 -22.50 -17.52
N LEU B 125 5.00 -23.04 -17.96
CA LEU B 125 5.20 -23.30 -19.38
C LEU B 125 4.37 -24.47 -19.86
N TRP B 126 4.05 -25.41 -18.97
CA TRP B 126 3.21 -26.53 -19.35
C TRP B 126 1.79 -26.05 -19.64
N SER B 127 1.37 -25.01 -18.93
CA SER B 127 0.06 -24.43 -19.13
C SER B 127 0.00 -23.60 -20.42
N HIS B 128 1.08 -22.87 -20.68
CA HIS B 128 1.13 -21.99 -21.86
C HIS B 128 1.77 -22.68 -23.07
N PHE B 129 1.86 -24.00 -23.04
CA PHE B 129 2.40 -24.78 -24.15
C PHE B 129 1.93 -26.22 -24.09
N GLY C 24 -33.64 6.34 6.72
CA GLY C 24 -32.18 6.35 6.72
C GLY C 24 -31.55 5.72 7.95
N TYR C 25 -31.14 4.46 7.83
CA TYR C 25 -30.47 3.76 8.93
C TYR C 25 -28.99 3.55 8.64
N SER C 26 -28.16 4.21 9.44
CA SER C 26 -26.73 4.31 9.18
C SER C 26 -25.97 2.98 9.21
N TRP C 27 -26.18 2.19 10.27
CA TRP C 27 -25.41 0.96 10.43
C TRP C 27 -25.87 -0.09 9.42
N LYS C 28 -27.18 -0.13 9.18
CA LYS C 28 -27.75 -0.95 8.13
C LYS C 28 -27.17 -0.57 6.76
N GLY C 29 -26.98 0.74 6.55
CA GLY C 29 -26.38 1.25 5.32
C GLY C 29 -24.95 0.81 5.14
N LEU C 30 -24.16 0.92 6.21
CA LEU C 30 -22.77 0.49 6.23
C LEU C 30 -22.62 -0.99 5.87
N ARG C 31 -23.42 -1.83 6.50
CA ARG C 31 -23.38 -3.27 6.26
C ARG C 31 -23.77 -3.61 4.82
N ALA C 32 -24.81 -2.95 4.32
CA ALA C 32 -25.30 -3.24 2.99
C ALA C 32 -24.29 -2.84 1.93
N ALA C 33 -23.58 -1.74 2.15
CA ALA C 33 -22.51 -1.33 1.25
C ALA C 33 -21.42 -2.39 1.25
N TRP C 34 -21.11 -2.92 2.43
CA TRP C 34 -20.07 -3.94 2.55
C TRP C 34 -20.46 -5.23 1.84
N ILE C 35 -21.73 -5.61 1.96
CA ILE C 35 -22.19 -6.87 1.40
C ILE C 35 -22.42 -6.77 -0.11
N ASN C 36 -22.86 -5.60 -0.57
CA ASN C 36 -23.29 -5.48 -1.96
C ASN C 36 -22.23 -4.87 -2.89
N GLU C 37 -21.29 -4.12 -2.33
CA GLU C 37 -20.27 -3.45 -3.14
C GLU C 37 -18.86 -4.03 -2.96
N ALA C 38 -18.46 -4.91 -3.87
CA ALA C 38 -17.10 -5.47 -3.84
C ALA C 38 -16.01 -4.38 -3.78
N ALA C 39 -16.25 -3.27 -4.47
CA ALA C 39 -15.30 -2.16 -4.50
C ALA C 39 -15.15 -1.54 -3.12
N PHE C 40 -16.26 -1.49 -2.39
CA PHE C 40 -16.27 -0.91 -1.05
C PHE C 40 -15.50 -1.80 -0.08
N ARG C 41 -15.52 -3.11 -0.33
CA ARG C 41 -14.74 -4.05 0.46
C ARG C 41 -13.25 -3.91 0.19
N GLN C 42 -12.87 -3.78 -1.07
CA GLN C 42 -11.48 -3.53 -1.43
C GLN C 42 -10.96 -2.26 -0.76
N GLU C 43 -11.67 -1.16 -0.98
CA GLU C 43 -11.27 0.13 -0.42
C GLU C 43 -11.27 0.06 1.10
N GLY C 44 -12.30 -0.57 1.65
CA GLY C 44 -12.39 -0.78 3.09
C GLY C 44 -11.17 -1.44 3.72
N VAL C 45 -10.67 -2.49 3.08
CA VAL C 45 -9.51 -3.21 3.60
C VAL C 45 -8.25 -2.35 3.51
N ALA C 46 -8.15 -1.62 2.41
CA ALA C 46 -7.06 -0.66 2.22
C ALA C 46 -7.08 0.39 3.31
N VAL C 47 -8.28 0.90 3.63
CA VAL C 47 -8.45 1.92 4.66
C VAL C 47 -8.00 1.38 6.01
N LEU C 48 -8.40 0.15 6.32
CA LEU C 48 -8.04 -0.47 7.59
C LEU C 48 -6.52 -0.63 7.66
N LEU C 49 -5.92 -1.13 6.59
CA LEU C 49 -4.47 -1.27 6.50
C LEU C 49 -3.76 0.06 6.76
N CYS C 50 -4.28 1.13 6.19
CA CYS C 50 -3.65 2.43 6.33
C CYS C 50 -3.84 2.99 7.73
N VAL C 51 -4.96 2.66 8.36
CA VAL C 51 -5.23 3.17 9.71
C VAL C 51 -4.33 2.45 10.71
N VAL C 52 -4.13 1.15 10.52
CA VAL C 52 -3.25 0.36 11.35
C VAL C 52 -1.80 0.87 11.25
N ILE C 53 -1.38 1.20 10.03
CA ILE C 53 -0.02 1.69 9.83
C ILE C 53 0.17 3.07 10.47
N ALA C 54 -0.81 3.94 10.28
CA ALA C 54 -0.79 5.29 10.86
C ALA C 54 -0.73 5.26 12.39
N ALA C 55 -1.44 4.30 12.98
CA ALA C 55 -1.45 4.14 14.44
C ALA C 55 -0.13 3.55 14.95
N TRP C 56 0.54 2.78 14.08
CA TRP C 56 1.83 2.17 14.41
C TRP C 56 2.98 3.16 14.19
N LEU C 57 2.86 3.95 13.14
CA LEU C 57 3.90 4.88 12.73
C LEU C 57 4.24 5.88 13.83
N ASP C 58 5.50 6.28 13.90
CA ASP C 58 5.94 7.22 14.91
C ASP C 58 5.84 8.65 14.38
N VAL C 59 4.64 9.21 14.43
CA VAL C 59 4.39 10.56 13.92
C VAL C 59 3.63 11.36 14.98
N ASP C 60 3.66 12.68 14.86
CA ASP C 60 2.89 13.52 15.76
C ASP C 60 1.38 13.34 15.52
N ALA C 61 0.58 13.89 16.43
CA ALA C 61 -0.88 13.78 16.37
C ALA C 61 -1.45 14.31 15.06
N VAL C 62 -0.99 15.50 14.65
CA VAL C 62 -1.47 16.18 13.45
C VAL C 62 -1.30 15.33 12.19
N THR C 63 -0.09 14.80 11.99
CA THR C 63 0.21 13.93 10.87
C THR C 63 -0.67 12.70 10.91
N ARG C 64 -0.82 12.13 12.09
CA ARG C 64 -1.62 10.94 12.28
C ARG C 64 -3.06 11.21 11.85
N VAL C 65 -3.56 12.40 12.20
CA VAL C 65 -4.92 12.80 11.85
C VAL C 65 -5.08 12.89 10.33
N LEU C 66 -4.09 13.49 9.67
CA LEU C 66 -4.12 13.61 8.21
C LEU C 66 -4.10 12.25 7.50
N LEU C 67 -3.22 11.35 7.94
CA LEU C 67 -3.14 10.01 7.36
C LEU C 67 -4.48 9.28 7.44
N ILE C 68 -5.15 9.39 8.58
CA ILE C 68 -6.39 8.67 8.81
C ILE C 68 -7.59 9.33 8.12
N SER C 69 -7.70 10.64 8.22
CA SER C 69 -8.90 11.30 7.69
C SER C 69 -8.92 11.22 6.16
N SER C 70 -7.77 11.36 5.52
CA SER C 70 -7.69 11.34 4.06
C SER C 70 -8.16 10.01 3.49
N VAL C 71 -7.97 8.97 4.28
CA VAL C 71 -8.25 7.60 3.85
C VAL C 71 -9.68 7.28 4.25
N MET C 72 -10.11 7.87 5.36
CA MET C 72 -11.50 7.90 5.77
C MET C 72 -12.40 8.55 4.70
N LEU C 73 -11.86 9.58 4.05
CA LEU C 73 -12.63 10.36 3.09
C LEU C 73 -13.06 9.47 1.92
N VAL C 74 -12.22 8.52 1.57
CA VAL C 74 -12.55 7.57 0.52
C VAL C 74 -13.86 6.84 0.85
N MET C 75 -14.01 6.43 2.10
CA MET C 75 -15.19 5.69 2.55
C MET C 75 -16.45 6.54 2.44
N ILE C 76 -16.33 7.79 2.91
CA ILE C 76 -17.43 8.73 2.86
C ILE C 76 -17.92 8.91 1.43
N VAL C 77 -16.97 9.12 0.52
CA VAL C 77 -17.30 9.42 -0.87
C VAL C 77 -17.86 8.19 -1.59
N GLU C 78 -17.28 7.02 -1.33
CA GLU C 78 -17.78 5.78 -1.91
C GLU C 78 -19.23 5.52 -1.49
N LEU C 79 -19.51 5.73 -0.20
CA LEU C 79 -20.87 5.62 0.31
C LEU C 79 -21.84 6.53 -0.47
N LEU C 80 -21.45 7.80 -0.62
CA LEU C 80 -22.26 8.75 -1.35
C LEU C 80 -22.40 8.33 -2.82
N ASN C 81 -21.32 7.83 -3.39
CA ASN C 81 -21.32 7.35 -4.77
C ASN C 81 -22.31 6.21 -4.93
N SER C 82 -22.27 5.27 -4.00
CA SER C 82 -23.14 4.11 -4.05
C SER C 82 -24.61 4.49 -3.89
N ALA C 83 -24.90 5.54 -3.14
CA ALA C 83 -26.29 5.96 -2.94
C ALA C 83 -26.83 6.51 -4.25
N ILE C 84 -26.00 7.29 -4.92
CA ILE C 84 -26.33 7.85 -6.22
C ILE C 84 -26.66 6.72 -7.20
N GLU C 85 -25.82 5.69 -7.21
CA GLU C 85 -26.03 4.53 -8.06
C GLU C 85 -27.30 3.77 -7.70
N ALA C 86 -27.64 3.74 -6.43
CA ALA C 86 -28.85 3.06 -5.98
C ALA C 86 -30.10 3.75 -6.55
N VAL C 87 -30.13 5.08 -6.51
CA VAL C 87 -31.29 5.82 -6.98
C VAL C 87 -31.52 5.57 -8.46
N VAL C 88 -30.44 5.73 -9.22
CA VAL C 88 -30.48 5.58 -10.66
C VAL C 88 -30.84 4.14 -11.05
N ASP C 89 -30.19 3.16 -10.42
CA ASP C 89 -30.45 1.76 -10.75
C ASP C 89 -31.86 1.31 -10.37
N ARG C 90 -32.45 1.98 -9.38
CA ARG C 90 -33.79 1.61 -8.92
C ARG C 90 -34.85 1.98 -9.96
N ILE C 91 -34.51 2.88 -10.86
CA ILE C 91 -35.39 3.25 -11.94
C ILE C 91 -35.49 2.10 -12.94
N GLY C 92 -34.34 1.49 -13.24
CA GLY C 92 -34.30 0.39 -14.18
C GLY C 92 -32.88 -0.03 -14.54
N SER C 93 -32.77 -1.10 -15.31
CA SER C 93 -31.46 -1.64 -15.69
C SER C 93 -31.02 -1.08 -17.04
N GLU C 94 -31.99 -0.71 -17.86
CA GLU C 94 -31.72 -0.18 -19.20
C GLU C 94 -30.83 1.05 -19.14
N TYR C 95 -29.88 1.14 -20.07
CA TYR C 95 -28.93 2.24 -20.08
C TYR C 95 -29.60 3.57 -20.39
N HIS C 96 -29.21 4.60 -19.65
CA HIS C 96 -29.62 5.96 -19.94
C HIS C 96 -28.39 6.85 -19.84
N GLU C 97 -28.34 7.88 -20.68
CA GLU C 97 -27.20 8.80 -20.68
C GLU C 97 -27.01 9.51 -19.34
N LEU C 98 -28.11 9.95 -18.73
CA LEU C 98 -28.05 10.66 -17.46
C LEU C 98 -27.71 9.71 -16.31
N SER C 99 -28.11 8.46 -16.45
CA SER C 99 -27.75 7.42 -15.49
C SER C 99 -26.25 7.16 -15.53
N GLY C 100 -25.73 6.92 -16.74
CA GLY C 100 -24.31 6.73 -16.93
C GLY C 100 -23.51 7.93 -16.45
N ARG C 101 -23.99 9.12 -16.80
CA ARG C 101 -23.32 10.35 -16.39
C ARG C 101 -23.24 10.47 -14.88
N ALA C 102 -24.36 10.22 -14.19
CA ALA C 102 -24.39 10.29 -12.73
C ALA C 102 -23.38 9.33 -12.11
N LYS C 103 -23.33 8.10 -12.60
CA LYS C 103 -22.41 7.10 -12.04
C LYS C 103 -20.96 7.37 -12.41
N ASP C 104 -20.71 7.99 -13.57
CA ASP C 104 -19.36 8.36 -13.96
C ASP C 104 -18.81 9.49 -13.08
N LEU C 105 -19.64 10.49 -12.83
CA LEU C 105 -19.25 11.63 -12.01
C LEU C 105 -19.06 11.21 -10.55
N GLY C 106 -19.86 10.24 -10.11
CA GLY C 106 -19.72 9.69 -8.78
C GLY C 106 -18.43 8.89 -8.64
N SER C 107 -18.07 8.14 -9.68
CA SER C 107 -16.85 7.34 -9.67
C SER C 107 -15.62 8.24 -9.67
N ALA C 108 -15.68 9.33 -10.44
CA ALA C 108 -14.58 10.26 -10.53
C ALA C 108 -14.27 10.87 -9.17
N ALA C 109 -15.33 11.13 -8.38
CA ALA C 109 -15.15 11.72 -7.06
C ALA C 109 -14.40 10.77 -6.14
N VAL C 110 -14.65 9.48 -6.31
CA VAL C 110 -13.99 8.47 -5.50
C VAL C 110 -12.52 8.40 -5.88
N LEU C 111 -12.26 8.43 -7.19
CA LEU C 111 -10.90 8.40 -7.69
C LEU C 111 -10.07 9.58 -7.14
N ILE C 112 -10.66 10.77 -7.08
CA ILE C 112 -9.93 11.94 -6.60
C ILE C 112 -9.68 11.82 -5.09
N ALA C 113 -10.59 11.22 -4.35
CA ALA C 113 -10.36 10.99 -2.93
C ALA C 113 -9.18 10.05 -2.71
N ILE C 114 -9.13 8.95 -3.46
CA ILE C 114 -8.04 7.99 -3.39
C ILE C 114 -6.70 8.65 -3.76
N ILE C 115 -6.66 9.33 -4.90
CA ILE C 115 -5.46 10.03 -5.32
C ILE C 115 -5.00 11.00 -4.25
N ASP C 116 -5.97 11.69 -3.64
CA ASP C 116 -5.68 12.65 -2.57
C ASP C 116 -5.11 11.93 -1.35
N ALA C 117 -5.59 10.72 -1.09
CA ALA C 117 -5.10 9.92 0.02
C ALA C 117 -3.64 9.53 -0.20
N VAL C 118 -3.34 9.07 -1.42
CA VAL C 118 -2.00 8.62 -1.75
C VAL C 118 -0.99 9.78 -1.71
N ILE C 119 -1.38 10.92 -2.28
CA ILE C 119 -0.50 12.09 -2.28
C ILE C 119 -0.25 12.56 -0.84
N THR C 120 -1.32 12.62 -0.06
CA THR C 120 -1.21 12.91 1.37
C THR C 120 -0.17 12.00 2.03
N TRP C 121 -0.32 10.69 1.82
CA TRP C 121 0.58 9.71 2.42
C TRP C 121 2.02 9.88 1.92
N ALA C 122 2.20 10.08 0.63
CA ALA C 122 3.55 10.23 0.08
C ALA C 122 4.23 11.45 0.66
N ILE C 123 3.52 12.58 0.67
CA ILE C 123 4.10 13.82 1.16
C ILE C 123 4.48 13.74 2.63
N LEU C 124 3.59 13.20 3.45
CA LEU C 124 3.80 13.20 4.89
C LEU C 124 4.89 12.21 5.30
N LEU C 125 4.80 10.99 4.79
CA LEU C 125 5.72 9.94 5.16
C LEU C 125 7.13 10.23 4.64
N TRP C 126 7.22 10.68 3.38
CA TRP C 126 8.53 10.98 2.80
C TRP C 126 9.15 12.21 3.46
N SER C 127 8.30 13.10 3.97
CA SER C 127 8.79 14.27 4.67
C SER C 127 9.32 13.91 6.05
N HIS C 128 8.54 13.12 6.79
CA HIS C 128 8.91 12.81 8.16
C HIS C 128 10.01 11.75 8.21
N PHE C 129 10.22 11.06 7.11
CA PHE C 129 11.24 10.04 7.03
C PHE C 129 12.09 10.20 5.77
N GLU D 43 8.25 -27.04 12.17
CA GLU D 43 8.41 -25.89 11.27
C GLU D 43 8.33 -26.34 9.82
N GLY D 44 8.49 -27.65 9.61
CA GLY D 44 8.45 -28.25 8.29
C GLY D 44 7.07 -28.75 7.91
N VAL D 45 6.21 -28.93 8.92
CA VAL D 45 4.86 -29.43 8.69
C VAL D 45 3.99 -28.30 8.15
N ALA D 46 4.33 -27.08 8.52
CA ALA D 46 3.63 -25.90 8.02
C ALA D 46 3.65 -25.84 6.50
N VAL D 47 4.81 -26.10 5.92
CA VAL D 47 4.96 -26.07 4.46
C VAL D 47 4.07 -27.12 3.80
N LEU D 48 4.17 -28.36 4.26
CA LEU D 48 3.41 -29.47 3.70
C LEU D 48 1.91 -29.19 3.78
N LEU D 49 1.49 -28.64 4.90
CA LEU D 49 0.08 -28.33 5.11
C LEU D 49 -0.40 -27.27 4.13
N CYS D 50 0.47 -26.30 3.84
CA CYS D 50 0.13 -25.24 2.91
C CYS D 50 0.03 -25.77 1.48
N VAL D 51 0.96 -26.65 1.10
CA VAL D 51 0.93 -27.24 -0.25
C VAL D 51 -0.35 -28.04 -0.43
N VAL D 52 -0.71 -28.81 0.59
CA VAL D 52 -1.94 -29.61 0.55
C VAL D 52 -3.15 -28.72 0.39
N ILE D 53 -3.19 -27.62 1.14
CA ILE D 53 -4.28 -26.67 1.04
C ILE D 53 -4.34 -26.05 -0.36
N ALA D 54 -3.18 -25.66 -0.88
CA ALA D 54 -3.08 -25.07 -2.22
C ALA D 54 -3.54 -26.06 -3.29
N ALA D 55 -3.21 -27.34 -3.08
CA ALA D 55 -3.65 -28.41 -3.97
C ALA D 55 -5.14 -28.67 -3.82
N TRP D 56 -5.59 -28.76 -2.57
CA TRP D 56 -6.99 -29.03 -2.27
C TRP D 56 -7.88 -27.90 -2.78
N LEU D 57 -7.38 -26.67 -2.72
CA LEU D 57 -8.05 -25.53 -3.32
C LEU D 57 -8.08 -25.68 -4.84
N ASP D 58 -9.19 -25.27 -5.44
CA ASP D 58 -9.34 -25.31 -6.88
C ASP D 58 -8.94 -23.97 -7.50
N VAL D 59 -7.64 -23.71 -7.59
CA VAL D 59 -7.17 -22.44 -8.12
C VAL D 59 -6.32 -22.70 -9.36
N ASP D 60 -6.10 -21.67 -10.17
CA ASP D 60 -5.29 -21.82 -11.37
C ASP D 60 -3.82 -21.96 -11.01
N ALA D 61 -3.01 -22.32 -12.01
CA ALA D 61 -1.58 -22.55 -11.81
C ALA D 61 -0.88 -21.32 -11.22
N VAL D 62 -1.28 -20.13 -11.67
CA VAL D 62 -0.66 -18.90 -11.21
C VAL D 62 -0.87 -18.67 -9.71
N THR D 63 -2.12 -18.80 -9.27
CA THR D 63 -2.45 -18.64 -7.86
C THR D 63 -1.69 -19.66 -6.99
N ARG D 64 -1.64 -20.89 -7.48
CA ARG D 64 -0.98 -21.97 -6.76
C ARG D 64 0.52 -21.69 -6.60
N VAL D 65 1.13 -21.13 -7.63
CA VAL D 65 2.54 -20.78 -7.60
C VAL D 65 2.79 -19.70 -6.54
N LEU D 66 1.93 -18.69 -6.52
CA LEU D 66 2.08 -17.61 -5.55
C LEU D 66 1.87 -18.08 -4.12
N LEU D 67 0.85 -18.91 -3.90
CA LEU D 67 0.56 -19.44 -2.57
C LEU D 67 1.74 -20.22 -2.02
N ILE D 68 2.32 -21.07 -2.86
CA ILE D 68 3.41 -21.94 -2.46
C ILE D 68 4.72 -21.18 -2.36
N SER D 69 4.99 -20.30 -3.33
CA SER D 69 6.27 -19.59 -3.35
C SER D 69 6.38 -18.63 -2.16
N SER D 70 5.25 -18.09 -1.73
CA SER D 70 5.23 -17.20 -0.56
C SER D 70 5.63 -17.95 0.72
N VAL D 71 5.27 -19.22 0.79
CA VAL D 71 5.63 -20.04 1.94
C VAL D 71 7.08 -20.51 1.84
N MET D 72 7.52 -20.79 0.62
CA MET D 72 8.91 -21.19 0.38
C MET D 72 9.86 -20.05 0.74
N LEU D 73 9.44 -18.82 0.47
CA LEU D 73 10.29 -17.67 0.76
C LEU D 73 10.52 -17.56 2.27
N VAL D 74 9.48 -17.79 3.06
CA VAL D 74 9.59 -17.79 4.52
C VAL D 74 10.64 -18.80 4.96
N MET D 75 10.59 -19.99 4.38
CA MET D 75 11.55 -21.06 4.68
C MET D 75 12.96 -20.65 4.31
N ILE D 76 13.09 -20.03 3.15
CA ILE D 76 14.41 -19.59 2.67
C ILE D 76 15.02 -18.57 3.63
N VAL D 77 14.23 -17.57 3.99
CA VAL D 77 14.66 -16.50 4.88
C VAL D 77 15.01 -17.03 6.28
N GLU D 78 14.21 -17.96 6.79
CA GLU D 78 14.51 -18.59 8.08
C GLU D 78 15.84 -19.33 8.03
N LEU D 79 16.06 -20.06 6.93
CA LEU D 79 17.32 -20.76 6.71
C LEU D 79 18.51 -19.80 6.71
N LEU D 80 18.37 -18.67 6.00
CA LEU D 80 19.45 -17.67 5.97
C LEU D 80 19.65 -17.02 7.33
N ASN D 81 18.55 -16.77 8.03
CA ASN D 81 18.62 -16.19 9.37
C ASN D 81 19.34 -17.14 10.31
N SER D 82 19.02 -18.43 10.23
CA SER D 82 19.68 -19.42 11.08
C SER D 82 21.17 -19.53 10.79
N ALA D 83 21.54 -19.39 9.52
CA ALA D 83 22.95 -19.43 9.15
C ALA D 83 23.69 -18.27 9.81
N ILE D 84 23.11 -17.09 9.73
CA ILE D 84 23.70 -15.92 10.36
C ILE D 84 23.81 -16.13 11.87
N GLU D 85 22.76 -16.68 12.49
CA GLU D 85 22.80 -16.99 13.92
C GLU D 85 23.92 -17.98 14.25
N ALA D 86 24.15 -18.92 13.34
CA ALA D 86 25.22 -19.89 13.53
C ALA D 86 26.58 -19.19 13.49
N VAL D 87 26.74 -18.25 12.57
CA VAL D 87 27.97 -17.49 12.46
C VAL D 87 28.22 -16.63 13.69
N VAL D 88 27.16 -15.97 14.17
CA VAL D 88 27.26 -15.14 15.37
C VAL D 88 27.74 -15.97 16.55
N ASP D 89 27.16 -17.14 16.71
CA ASP D 89 27.51 -18.05 17.81
C ASP D 89 28.91 -18.63 17.61
N ARG D 90 29.33 -18.75 16.34
CA ARG D 90 30.67 -19.22 16.00
C ARG D 90 31.74 -18.27 16.55
N ILE D 91 31.47 -16.97 16.50
CA ILE D 91 32.44 -15.97 16.93
C ILE D 91 32.64 -16.06 18.44
N GLY D 92 31.57 -16.39 19.15
CA GLY D 92 31.63 -16.59 20.59
C GLY D 92 30.30 -16.44 21.29
N SER D 93 30.27 -16.77 22.58
CA SER D 93 29.04 -16.71 23.36
C SER D 93 28.92 -15.38 24.09
N GLU D 94 30.05 -14.71 24.27
CA GLU D 94 30.09 -13.41 24.90
C GLU D 94 29.22 -12.41 24.15
N TYR D 95 28.31 -11.76 24.87
CA TYR D 95 27.37 -10.84 24.24
C TYR D 95 28.07 -9.62 23.68
N HIS D 96 27.54 -9.12 22.57
CA HIS D 96 28.09 -7.95 21.90
C HIS D 96 26.96 -7.19 21.22
N GLU D 97 27.07 -5.87 21.18
CA GLU D 97 26.06 -5.01 20.56
C GLU D 97 25.77 -5.44 19.12
N LEU D 98 26.82 -5.73 18.36
CA LEU D 98 26.67 -6.12 16.96
C LEU D 98 26.13 -7.55 16.76
N SER D 99 26.32 -8.40 17.75
CA SER D 99 25.79 -9.76 17.71
C SER D 99 24.27 -9.73 17.81
N GLY D 100 23.76 -9.03 18.81
CA GLY D 100 22.33 -8.85 18.98
C GLY D 100 21.71 -8.16 17.77
N ARG D 101 22.42 -7.17 17.26
CA ARG D 101 21.99 -6.42 16.09
C ARG D 101 21.79 -7.35 14.89
N ALA D 102 22.77 -8.21 14.63
CA ALA D 102 22.68 -9.16 13.52
C ALA D 102 21.47 -10.06 13.65
N LYS D 103 21.25 -10.61 14.84
CA LYS D 103 20.11 -11.49 15.08
C LYS D 103 18.79 -10.74 14.97
N ASP D 104 18.76 -9.48 15.42
CA ASP D 104 17.55 -8.68 15.32
C ASP D 104 17.21 -8.40 13.85
N LEU D 105 18.23 -8.05 13.06
CA LEU D 105 18.04 -7.80 11.64
C LEU D 105 17.54 -9.06 10.92
N GLY D 106 18.12 -10.20 11.26
CA GLY D 106 17.72 -11.47 10.66
C GLY D 106 16.29 -11.84 10.98
N SER D 107 15.91 -11.67 12.24
CA SER D 107 14.56 -11.99 12.71
C SER D 107 13.54 -11.08 12.05
N ALA D 108 13.89 -9.80 11.91
CA ALA D 108 13.00 -8.84 11.26
C ALA D 108 12.71 -9.27 9.82
N ALA D 109 13.73 -9.79 9.14
CA ALA D 109 13.57 -10.30 7.78
C ALA D 109 12.61 -11.48 7.73
N VAL D 110 12.67 -12.35 8.74
CA VAL D 110 11.74 -13.48 8.81
C VAL D 110 10.34 -12.94 8.97
N LEU D 111 10.18 -11.97 9.87
CA LEU D 111 8.89 -11.37 10.16
C LEU D 111 8.30 -10.75 8.88
N ILE D 112 9.11 -10.02 8.12
CA ILE D 112 8.62 -9.39 6.90
C ILE D 112 8.15 -10.45 5.89
N ALA D 113 8.89 -11.55 5.80
CA ALA D 113 8.52 -12.65 4.92
C ALA D 113 7.20 -13.30 5.36
N ILE D 114 7.01 -13.48 6.66
CA ILE D 114 5.78 -14.06 7.14
C ILE D 114 4.62 -13.11 6.83
N ILE D 115 4.82 -11.82 7.08
CA ILE D 115 3.80 -10.82 6.77
C ILE D 115 3.47 -10.83 5.29
N ASP D 116 4.49 -11.01 4.46
CA ASP D 116 4.29 -11.09 3.03
C ASP D 116 3.46 -12.32 2.65
N ALA D 117 3.66 -13.43 3.36
CA ALA D 117 2.92 -14.66 3.08
C ALA D 117 1.45 -14.52 3.49
N VAL D 118 1.21 -13.95 4.67
CA VAL D 118 -0.15 -13.76 5.15
C VAL D 118 -0.96 -12.87 4.19
N ILE D 119 -0.34 -11.78 3.74
CA ILE D 119 -0.99 -10.84 2.81
C ILE D 119 -1.34 -11.55 1.51
N THR D 120 -0.39 -12.33 1.01
CA THR D 120 -0.57 -13.11 -0.21
C THR D 120 -1.76 -14.08 -0.08
N TRP D 121 -1.78 -14.88 0.97
CA TRP D 121 -2.86 -15.84 1.16
C TRP D 121 -4.20 -15.14 1.37
N ALA D 122 -4.19 -14.02 2.08
CA ALA D 122 -5.42 -13.27 2.30
C ALA D 122 -5.95 -12.74 0.97
N ILE D 123 -5.09 -12.14 0.17
CA ILE D 123 -5.52 -11.55 -1.08
C ILE D 123 -6.00 -12.60 -2.08
N LEU D 124 -5.25 -13.70 -2.28
CA LEU D 124 -5.69 -14.69 -3.27
C LEU D 124 -6.93 -15.47 -2.82
N LEU D 125 -7.07 -15.77 -1.54
CA LEU D 125 -8.24 -16.53 -1.15
C LEU D 125 -9.47 -15.63 -1.09
N TRP D 126 -9.27 -14.33 -0.82
CA TRP D 126 -10.39 -13.39 -0.87
C TRP D 126 -10.91 -13.34 -2.31
N SER D 127 -9.97 -13.33 -3.25
CA SER D 127 -10.27 -13.27 -4.68
C SER D 127 -10.86 -14.58 -5.19
N HIS D 128 -10.29 -15.71 -4.76
CA HIS D 128 -10.80 -17.01 -5.14
C HIS D 128 -12.27 -17.17 -4.73
N PHE D 129 -12.56 -16.79 -3.49
CA PHE D 129 -13.91 -16.85 -2.98
C PHE D 129 -14.63 -15.53 -3.20
N VAL E 45 -9.05 21.86 -14.02
CA VAL E 45 -9.74 23.06 -13.59
C VAL E 45 -8.74 24.07 -13.04
N ALA E 46 -9.22 24.98 -12.20
CA ALA E 46 -8.36 25.92 -11.50
C ALA E 46 -7.83 25.29 -10.21
N VAL E 47 -8.20 24.04 -9.97
CA VAL E 47 -7.73 23.29 -8.82
C VAL E 47 -6.25 23.01 -8.96
N LEU E 48 -5.84 22.64 -10.18
CA LEU E 48 -4.44 22.33 -10.47
C LEU E 48 -3.51 23.49 -10.17
N LEU E 49 -3.96 24.71 -10.46
CA LEU E 49 -3.18 25.91 -10.19
C LEU E 49 -2.86 26.05 -8.71
N CYS E 50 -3.84 25.74 -7.87
CA CYS E 50 -3.68 25.83 -6.43
C CYS E 50 -2.68 24.78 -5.93
N VAL E 51 -2.78 23.59 -6.49
CA VAL E 51 -1.92 22.47 -6.09
C VAL E 51 -0.46 22.80 -6.41
N VAL E 52 -0.24 23.33 -7.63
CA VAL E 52 1.09 23.74 -8.04
C VAL E 52 1.59 24.90 -7.16
N ILE E 53 0.68 25.79 -6.81
CA ILE E 53 0.99 26.89 -5.89
C ILE E 53 1.38 26.33 -4.53
N ALA E 54 0.57 25.40 -4.02
CA ALA E 54 0.83 24.76 -2.74
C ALA E 54 2.16 24.01 -2.74
N ALA E 55 2.45 23.36 -3.87
CA ALA E 55 3.69 22.61 -4.02
C ALA E 55 4.90 23.55 -4.09
N TRP E 56 4.66 24.77 -4.56
CA TRP E 56 5.74 25.75 -4.74
C TRP E 56 5.98 26.57 -3.48
N LEU E 57 4.91 26.86 -2.75
CA LEU E 57 5.01 27.67 -1.53
C LEU E 57 5.94 27.04 -0.50
N ASP E 58 6.70 27.88 0.20
CA ASP E 58 7.64 27.40 1.20
C ASP E 58 6.96 27.18 2.54
N VAL E 59 6.26 26.06 2.67
CA VAL E 59 5.57 25.69 3.91
C VAL E 59 5.97 24.27 4.28
N ASP E 60 5.64 23.85 5.50
CA ASP E 60 5.92 22.48 5.90
C ASP E 60 4.94 21.52 5.23
N ALA E 61 5.27 20.23 5.26
CA ALA E 61 4.48 19.20 4.58
C ALA E 61 3.03 19.17 5.06
N VAL E 62 2.82 19.42 6.35
CA VAL E 62 1.50 19.40 6.94
C VAL E 62 0.63 20.52 6.38
N THR E 63 1.21 21.71 6.27
CA THR E 63 0.52 22.85 5.68
C THR E 63 0.20 22.58 4.22
N ARG E 64 1.14 21.98 3.50
CA ARG E 64 0.98 21.76 2.07
C ARG E 64 -0.16 20.78 1.81
N VAL E 65 -0.28 19.78 2.66
CA VAL E 65 -1.31 18.77 2.53
C VAL E 65 -2.69 19.40 2.76
N LEU E 66 -2.79 20.24 3.78
CA LEU E 66 -4.03 20.95 4.08
C LEU E 66 -4.46 21.87 2.95
N LEU E 67 -3.51 22.60 2.38
CA LEU E 67 -3.78 23.46 1.23
C LEU E 67 -4.32 22.63 0.06
N ILE E 68 -3.56 21.61 -0.33
CA ILE E 68 -3.96 20.71 -1.42
C ILE E 68 -5.29 20.00 -1.15
N SER E 69 -5.48 19.47 0.05
CA SER E 69 -6.67 18.68 0.37
C SER E 69 -7.95 19.50 0.35
N SER E 70 -7.88 20.72 0.89
CA SER E 70 -9.03 21.62 0.94
C SER E 70 -9.57 21.92 -0.46
N VAL E 71 -8.66 22.11 -1.41
CA VAL E 71 -9.04 22.37 -2.79
C VAL E 71 -9.45 21.05 -3.45
N MET E 72 -8.80 19.97 -3.04
CA MET E 72 -9.15 18.65 -3.51
C MET E 72 -10.60 18.31 -3.15
N LEU E 73 -10.99 18.70 -1.94
CA LEU E 73 -12.33 18.39 -1.44
C LEU E 73 -13.40 19.15 -2.23
N VAL E 74 -13.08 20.36 -2.69
CA VAL E 74 -14.04 21.14 -3.49
C VAL E 74 -14.35 20.41 -4.79
N MET E 75 -13.32 19.99 -5.52
CA MET E 75 -13.51 19.22 -6.74
C MET E 75 -14.39 18.01 -6.49
N ILE E 76 -14.12 17.31 -5.38
CA ILE E 76 -14.91 16.14 -5.00
C ILE E 76 -16.39 16.49 -4.83
N VAL E 77 -16.68 17.59 -4.13
CA VAL E 77 -18.07 17.96 -3.83
C VAL E 77 -18.78 18.49 -5.06
N GLU E 78 -18.06 19.21 -5.92
CA GLU E 78 -18.62 19.61 -7.21
C GLU E 78 -18.99 18.39 -8.06
N LEU E 79 -18.09 17.40 -8.08
CA LEU E 79 -18.35 16.16 -8.81
C LEU E 79 -19.61 15.44 -8.28
N LEU E 80 -19.73 15.33 -6.96
CA LEU E 80 -20.87 14.68 -6.35
C LEU E 80 -22.15 15.46 -6.63
N ASN E 81 -22.05 16.78 -6.52
CA ASN E 81 -23.16 17.67 -6.82
C ASN E 81 -23.65 17.51 -8.26
N SER E 82 -22.74 17.44 -9.22
CA SER E 82 -23.12 17.27 -10.61
C SER E 82 -23.78 15.91 -10.82
N ALA E 83 -23.36 14.92 -10.04
CA ALA E 83 -23.93 13.58 -10.13
C ALA E 83 -25.38 13.60 -9.67
N ILE E 84 -25.62 14.34 -8.59
CA ILE E 84 -26.96 14.53 -8.06
C ILE E 84 -27.83 15.26 -9.08
N GLU E 85 -27.26 16.25 -9.74
CA GLU E 85 -27.99 16.97 -10.77
C GLU E 85 -28.36 16.04 -11.92
N ALA E 86 -27.49 15.08 -12.22
CA ALA E 86 -27.76 14.14 -13.30
C ALA E 86 -28.85 13.17 -12.89
N VAL E 87 -28.88 12.83 -11.60
CA VAL E 87 -29.95 12.01 -11.04
C VAL E 87 -31.27 12.74 -11.17
N VAL E 88 -31.30 13.97 -10.69
CA VAL E 88 -32.48 14.83 -10.74
C VAL E 88 -33.03 14.91 -12.16
N ASP E 89 -32.13 15.13 -13.12
CA ASP E 89 -32.53 15.19 -14.51
C ASP E 89 -33.04 13.84 -15.03
N ARG E 90 -32.47 12.75 -14.51
CA ARG E 90 -32.85 11.40 -14.90
C ARG E 90 -34.25 11.08 -14.41
N ILE E 91 -34.53 11.47 -13.16
CA ILE E 91 -35.84 11.34 -12.55
C ILE E 91 -36.86 12.15 -13.35
N GLY E 92 -36.45 13.34 -13.78
CA GLY E 92 -37.29 14.20 -14.57
C GLY E 92 -37.70 13.57 -15.88
N SER E 93 -36.74 13.06 -16.64
CA SER E 93 -37.05 12.41 -17.90
C SER E 93 -37.98 11.22 -17.71
N GLU E 94 -37.73 10.43 -16.66
CA GLU E 94 -38.47 9.19 -16.45
C GLU E 94 -39.90 9.41 -15.93
N TYR E 95 -40.02 10.18 -14.86
CA TYR E 95 -41.28 10.30 -14.14
C TYR E 95 -41.97 11.66 -14.36
N HIS E 96 -41.25 12.60 -14.97
CA HIS E 96 -41.72 13.98 -15.14
C HIS E 96 -42.06 14.58 -13.77
N GLU E 97 -41.11 14.49 -12.85
CA GLU E 97 -41.28 15.00 -11.51
C GLU E 97 -40.08 15.84 -11.11
N LEU E 98 -40.31 16.88 -10.32
CA LEU E 98 -39.24 17.65 -9.71
C LEU E 98 -38.68 16.89 -8.51
N SER E 99 -37.47 17.25 -8.09
CA SER E 99 -36.84 16.62 -6.93
C SER E 99 -36.71 17.57 -5.76
N GLY E 100 -37.75 18.38 -5.51
CA GLY E 100 -37.71 19.36 -4.43
C GLY E 100 -36.45 20.20 -4.40
N ARG E 101 -35.80 20.25 -3.23
CA ARG E 101 -34.64 21.11 -3.02
C ARG E 101 -33.29 20.41 -3.24
N ALA E 102 -33.29 19.30 -3.98
CA ALA E 102 -32.06 18.50 -4.15
C ALA E 102 -30.90 19.29 -4.76
N LYS E 103 -31.14 19.99 -5.87
CA LYS E 103 -30.10 20.77 -6.54
C LYS E 103 -29.56 21.89 -5.66
N ASP E 104 -30.45 22.56 -4.94
CA ASP E 104 -30.08 23.61 -4.00
C ASP E 104 -29.21 23.09 -2.85
N LEU E 105 -29.55 21.90 -2.35
CA LEU E 105 -28.81 21.31 -1.25
C LEU E 105 -27.40 20.89 -1.68
N GLY E 106 -27.28 20.34 -2.89
CA GLY E 106 -25.99 19.96 -3.43
C GLY E 106 -25.11 21.17 -3.66
N SER E 107 -25.72 22.25 -4.14
CA SER E 107 -24.99 23.48 -4.39
C SER E 107 -24.53 24.12 -3.08
N ALA E 108 -25.35 24.00 -2.04
CA ALA E 108 -24.98 24.50 -0.73
C ALA E 108 -23.74 23.75 -0.25
N ALA E 109 -23.75 22.42 -0.41
CA ALA E 109 -22.62 21.57 -0.05
C ALA E 109 -21.34 22.09 -0.71
N VAL E 110 -21.43 22.45 -1.98
CA VAL E 110 -20.31 23.01 -2.71
C VAL E 110 -19.83 24.33 -2.08
N LEU E 111 -20.78 25.16 -1.65
CA LEU E 111 -20.46 26.49 -1.12
C LEU E 111 -19.65 26.34 0.17
N ILE E 112 -20.07 25.41 1.01
CA ILE E 112 -19.42 25.16 2.28
C ILE E 112 -18.00 24.67 2.06
N ALA E 113 -17.83 23.75 1.12
CA ALA E 113 -16.50 23.23 0.80
C ALA E 113 -15.59 24.36 0.32
N ILE E 114 -16.14 25.25 -0.49
CA ILE E 114 -15.38 26.41 -0.97
C ILE E 114 -15.02 27.34 0.19
N ILE E 115 -16.00 27.62 1.03
CA ILE E 115 -15.76 28.40 2.25
C ILE E 115 -14.73 27.70 3.13
N ASP E 116 -14.85 26.38 3.23
CA ASP E 116 -13.89 25.60 4.01
C ASP E 116 -12.49 25.78 3.45
N ALA E 117 -12.38 25.88 2.13
CA ALA E 117 -11.07 26.00 1.48
C ALA E 117 -10.48 27.38 1.67
N VAL E 118 -11.30 28.41 1.53
CA VAL E 118 -10.85 29.79 1.69
C VAL E 118 -10.37 30.02 3.12
N ILE E 119 -11.13 29.53 4.09
CA ILE E 119 -10.77 29.65 5.50
C ILE E 119 -9.44 28.95 5.76
N THR E 120 -9.29 27.76 5.20
CA THR E 120 -8.06 26.99 5.38
C THR E 120 -6.85 27.75 4.86
N TRP E 121 -6.95 28.26 3.64
CA TRP E 121 -5.85 28.99 3.03
C TRP E 121 -5.58 30.28 3.80
N ALA E 122 -6.65 30.97 4.21
CA ALA E 122 -6.51 32.21 4.97
C ALA E 122 -5.77 31.99 6.28
N ILE E 123 -6.27 31.06 7.09
CA ILE E 123 -5.66 30.75 8.38
C ILE E 123 -4.18 30.39 8.21
N LEU E 124 -3.89 29.47 7.31
CA LEU E 124 -2.54 28.95 7.15
C LEU E 124 -1.56 29.96 6.57
N LEU E 125 -2.04 30.80 5.65
CA LEU E 125 -1.18 31.79 5.01
C LEU E 125 -1.14 33.09 5.80
N TRP E 126 -1.89 33.15 6.90
CA TRP E 126 -1.76 34.24 7.87
C TRP E 126 -0.77 33.85 8.94
N SER E 127 -0.53 32.54 9.06
CA SER E 127 0.35 32.00 10.08
C SER E 127 1.80 32.41 9.85
N HIS E 128 2.12 32.83 8.62
CA HIS E 128 3.45 33.33 8.32
C HIS E 128 3.43 34.86 8.23
N GLY F 44 -25.37 19.93 13.33
CA GLY F 44 -24.87 21.23 12.92
C GLY F 44 -24.23 21.98 14.09
N VAL F 45 -25.09 22.49 14.99
CA VAL F 45 -24.65 23.22 16.17
C VAL F 45 -23.77 24.41 15.81
N ALA F 46 -24.09 25.06 14.69
CA ALA F 46 -23.33 26.20 14.18
C ALA F 46 -21.84 25.87 14.04
N VAL F 47 -21.55 24.78 13.33
CA VAL F 47 -20.18 24.27 13.19
C VAL F 47 -19.52 24.08 14.56
N LEU F 48 -20.15 23.26 15.40
CA LEU F 48 -19.66 22.95 16.74
C LEU F 48 -19.41 24.22 17.54
N LEU F 49 -20.45 25.03 17.69
CA LEU F 49 -20.40 26.26 18.49
C LEU F 49 -19.22 27.16 18.11
N CYS F 50 -19.20 27.58 16.85
CA CYS F 50 -18.11 28.39 16.30
C CYS F 50 -16.76 27.70 16.54
N VAL F 51 -16.67 26.44 16.12
CA VAL F 51 -15.48 25.62 16.32
C VAL F 51 -15.05 25.60 17.79
N VAL F 52 -16.03 25.57 18.68
CA VAL F 52 -15.79 25.69 20.12
C VAL F 52 -14.94 26.91 20.41
N ILE F 53 -15.53 28.09 20.17
CA ILE F 53 -14.85 29.37 20.39
C ILE F 53 -13.53 29.45 19.64
N ALA F 54 -13.59 29.19 18.33
CA ALA F 54 -12.41 29.18 17.46
C ALA F 54 -11.32 28.29 18.04
N ALA F 55 -11.65 27.03 18.25
CA ALA F 55 -10.75 26.05 18.85
C ALA F 55 -10.22 26.54 20.20
N TRP F 56 -11.13 27.07 21.01
CA TRP F 56 -10.79 27.63 22.32
C TRP F 56 -9.70 28.69 22.21
N LEU F 57 -8.68 28.56 23.06
CA LEU F 57 -7.55 29.48 23.06
C LEU F 57 -6.43 28.93 22.19
N ASP F 60 -2.09 27.33 17.40
CA ASP F 60 -2.67 26.15 16.76
C ASP F 60 -2.55 26.21 15.24
N ALA F 61 -3.32 27.12 14.63
CA ALA F 61 -3.41 27.27 13.17
C ALA F 61 -3.74 25.95 12.49
N VAL F 62 -2.72 25.11 12.32
CA VAL F 62 -2.89 23.80 11.70
C VAL F 62 -3.93 22.98 12.45
N THR F 63 -3.76 22.87 13.77
CA THR F 63 -4.68 22.13 14.61
C THR F 63 -6.09 22.72 14.56
N ARG F 64 -6.16 24.03 14.37
CA ARG F 64 -7.43 24.74 14.32
C ARG F 64 -8.15 24.41 13.02
N VAL F 65 -7.36 24.30 11.95
CA VAL F 65 -7.89 23.93 10.65
C VAL F 65 -8.52 22.55 10.72
N LEU F 66 -7.78 21.60 11.29
CA LEU F 66 -8.24 20.23 11.42
C LEU F 66 -9.54 20.15 12.24
N LEU F 67 -9.58 20.92 13.33
CA LEU F 67 -10.77 21.00 14.18
C LEU F 67 -11.97 21.53 13.42
N ILE F 68 -11.79 22.68 12.76
CA ILE F 68 -12.85 23.32 11.99
C ILE F 68 -13.28 22.45 10.81
N SER F 69 -12.32 22.05 9.99
CA SER F 69 -12.60 21.37 8.73
C SER F 69 -13.30 20.03 8.94
N SER F 70 -12.95 19.32 10.01
CA SER F 70 -13.52 18.00 10.26
C SER F 70 -15.03 18.09 10.51
N VAL F 71 -15.46 19.12 11.24
CA VAL F 71 -16.87 19.39 11.50
C VAL F 71 -17.53 19.98 10.25
N MET F 72 -16.75 20.73 9.49
CA MET F 72 -17.18 21.28 8.21
C MET F 72 -17.53 20.15 7.24
N LEU F 73 -16.76 19.06 7.31
CA LEU F 73 -16.99 17.93 6.44
C LEU F 73 -18.32 17.27 6.78
N VAL F 74 -18.64 17.23 8.07
CA VAL F 74 -19.91 16.68 8.53
C VAL F 74 -21.08 17.45 7.93
N MET F 75 -20.97 18.78 7.87
CA MET F 75 -22.04 19.61 7.30
C MET F 75 -22.19 19.36 5.81
N ILE F 76 -21.07 19.28 5.11
CA ILE F 76 -21.06 19.01 3.67
C ILE F 76 -21.76 17.69 3.36
N VAL F 77 -21.41 16.64 4.09
CA VAL F 77 -21.94 15.31 3.82
C VAL F 77 -23.43 15.25 4.16
N GLU F 78 -23.82 15.88 5.26
CA GLU F 78 -25.22 15.92 5.62
C GLU F 78 -26.05 16.64 4.56
N LEU F 79 -25.45 17.66 3.94
CA LEU F 79 -26.09 18.37 2.84
C LEU F 79 -26.24 17.50 1.59
N LEU F 80 -25.18 16.80 1.22
CA LEU F 80 -25.25 15.89 0.09
C LEU F 80 -26.26 14.77 0.35
N ASN F 81 -26.32 14.33 1.60
CA ASN F 81 -27.27 13.29 2.00
C ASN F 81 -28.73 13.78 1.93
N SER F 82 -28.96 15.01 2.37
CA SER F 82 -30.29 15.59 2.30
C SER F 82 -30.74 15.76 0.85
N ALA F 83 -29.78 15.99 -0.04
CA ALA F 83 -30.04 16.11 -1.46
C ALA F 83 -30.52 14.77 -2.02
N ILE F 84 -29.87 13.69 -1.63
CA ILE F 84 -30.28 12.36 -2.06
C ILE F 84 -31.67 12.06 -1.49
N GLU F 85 -31.87 12.44 -0.24
CA GLU F 85 -33.14 12.22 0.44
C GLU F 85 -34.27 12.97 -0.26
N ALA F 86 -33.95 14.13 -0.81
CA ALA F 86 -34.95 14.98 -1.48
C ALA F 86 -35.34 14.37 -2.82
N VAL F 87 -34.44 13.57 -3.40
CA VAL F 87 -34.77 12.86 -4.62
C VAL F 87 -35.65 11.67 -4.29
N VAL F 88 -35.17 10.83 -3.38
CA VAL F 88 -35.86 9.59 -3.04
C VAL F 88 -37.25 9.88 -2.46
N ASP F 89 -37.35 10.87 -1.59
CA ASP F 89 -38.63 11.16 -0.92
C ASP F 89 -39.37 12.34 -1.54
N ARG F 90 -39.14 12.60 -2.81
CA ARG F 90 -39.81 13.69 -3.52
C ARG F 90 -41.31 13.44 -3.60
N ILE F 91 -42.06 14.50 -3.88
CA ILE F 91 -43.50 14.41 -4.09
C ILE F 91 -43.77 13.49 -5.29
N GLY F 92 -44.58 12.46 -5.07
CA GLY F 92 -44.93 11.52 -6.11
C GLY F 92 -44.13 10.24 -6.12
N SER F 93 -43.16 10.12 -5.22
CA SER F 93 -42.30 8.94 -5.19
C SER F 93 -43.03 7.69 -4.69
N GLU F 94 -44.23 7.87 -4.17
CA GLU F 94 -45.04 6.75 -3.69
C GLU F 94 -45.67 5.98 -4.84
N TYR F 95 -45.58 6.53 -6.05
CA TYR F 95 -46.16 5.89 -7.22
C TYR F 95 -45.11 5.13 -8.03
N HIS F 96 -43.91 5.03 -7.48
CA HIS F 96 -42.81 4.35 -8.18
C HIS F 96 -42.02 3.47 -7.23
N GLU F 97 -41.10 2.70 -7.79
CA GLU F 97 -40.18 1.92 -6.97
C GLU F 97 -39.28 2.88 -6.20
N LEU F 98 -39.16 2.65 -4.89
CA LEU F 98 -38.38 3.54 -4.03
C LEU F 98 -37.12 2.86 -3.53
N SER F 99 -36.03 3.62 -3.45
CA SER F 99 -34.75 3.08 -2.99
C SER F 99 -34.46 3.45 -1.54
N GLY F 100 -34.93 2.61 -0.62
CA GLY F 100 -34.58 2.76 0.79
C GLY F 100 -33.09 2.58 1.02
N ARG F 101 -32.47 1.80 0.14
CA ARG F 101 -31.02 1.56 0.18
C ARG F 101 -30.24 2.87 0.04
N ALA F 102 -30.67 3.71 -0.88
CA ALA F 102 -30.04 5.02 -1.09
C ALA F 102 -29.97 5.85 0.19
N LYS F 103 -31.06 5.87 0.94
CA LYS F 103 -31.09 6.68 2.17
C LYS F 103 -30.18 6.08 3.24
N ASP F 104 -30.08 4.75 3.28
CA ASP F 104 -29.22 4.08 4.25
C ASP F 104 -27.74 4.36 3.95
N LEU F 105 -27.40 4.33 2.67
CA LEU F 105 -26.02 4.60 2.23
C LEU F 105 -25.64 6.03 2.58
N GLY F 106 -26.49 6.98 2.20
CA GLY F 106 -26.29 8.37 2.53
C GLY F 106 -26.13 8.62 4.03
N SER F 107 -27.03 8.04 4.83
CA SER F 107 -26.93 8.12 6.29
C SER F 107 -25.61 7.57 6.82
N ALA F 108 -25.17 6.44 6.25
CA ALA F 108 -23.92 5.81 6.63
C ALA F 108 -22.74 6.75 6.37
N ALA F 109 -22.82 7.50 5.28
CA ALA F 109 -21.78 8.46 4.92
C ALA F 109 -21.67 9.54 5.99
N VAL F 110 -22.82 10.02 6.46
CA VAL F 110 -22.86 10.99 7.55
C VAL F 110 -22.17 10.40 8.79
N LEU F 111 -22.49 9.13 9.08
CA LEU F 111 -21.98 8.44 10.26
C LEU F 111 -20.45 8.38 10.27
N ILE F 112 -19.85 8.06 9.13
CA ILE F 112 -18.40 7.93 9.07
C ILE F 112 -17.75 9.31 9.17
N ALA F 113 -18.39 10.33 8.60
CA ALA F 113 -17.87 11.70 8.71
C ALA F 113 -17.82 12.14 10.17
N ILE F 114 -18.90 11.87 10.90
CA ILE F 114 -18.98 12.18 12.33
C ILE F 114 -17.92 11.39 13.12
N ILE F 115 -17.85 10.08 12.89
CA ILE F 115 -16.87 9.23 13.52
C ILE F 115 -15.47 9.74 13.24
N ASP F 116 -15.25 10.17 11.99
CA ASP F 116 -13.96 10.73 11.60
C ASP F 116 -13.68 12.02 12.37
N ALA F 117 -14.73 12.81 12.62
CA ALA F 117 -14.56 14.08 13.33
C ALA F 117 -14.24 13.84 14.79
N VAL F 118 -14.90 12.85 15.39
CA VAL F 118 -14.65 12.48 16.78
C VAL F 118 -13.23 11.95 16.95
N ILE F 119 -12.77 11.12 16.02
CA ILE F 119 -11.42 10.59 16.04
C ILE F 119 -10.41 11.73 15.89
N THR F 120 -10.72 12.69 15.02
CA THR F 120 -9.83 13.83 14.78
C THR F 120 -9.67 14.68 16.03
N TRP F 121 -10.79 15.05 16.66
CA TRP F 121 -10.77 15.85 17.88
C TRP F 121 -10.11 15.09 19.03
N ALA F 122 -10.41 13.81 19.18
CA ALA F 122 -9.90 13.04 20.31
C ALA F 122 -8.38 12.93 20.26
N ILE F 123 -7.84 12.64 19.09
CA ILE F 123 -6.40 12.54 18.91
C ILE F 123 -5.70 13.85 19.23
N LEU F 124 -6.24 14.95 18.72
CA LEU F 124 -5.63 16.27 18.93
C LEU F 124 -5.84 16.77 20.35
N LEU F 125 -6.98 16.41 20.95
CA LEU F 125 -7.28 16.81 22.31
C LEU F 125 -6.39 16.07 23.30
N TRP F 126 -6.24 14.77 23.11
CA TRP F 126 -5.40 13.96 23.98
C TRP F 126 -3.94 14.39 23.80
N SER F 127 -3.65 14.93 22.62
CA SER F 127 -2.34 15.50 22.33
C SER F 127 -2.08 16.74 23.18
N HIS F 128 -3.17 17.35 23.67
CA HIS F 128 -3.12 18.58 24.47
C HIS F 128 -2.34 19.69 23.77
O22 78N G . 22.43 -1.25 0.24
C19 78N G . 22.93 -2.30 -0.53
C18 78N G . 23.09 -1.83 -1.97
O20 78N G . 23.09 -2.92 -2.86
C17 78N G . 21.94 -0.89 -2.34
O16 78N G . 21.49 -1.17 -3.63
C8 78N G . 22.00 -0.33 -4.62
O15 78N G . 23.15 -0.36 -4.90
C7 78N G . 21.07 0.63 -5.37
C6 78N G . 21.68 0.95 -6.73
C5 78N G . 20.60 1.49 -7.66
C4 78N G . 19.41 0.54 -7.65
C3 78N G . 19.00 0.22 -9.10
C2 78N G . 18.01 1.28 -9.59
C1 78N G . 17.34 1.08 -10.70
C9 78N G . 17.53 -0.21 -11.50
C10 78N G . 16.41 -0.36 -12.52
C11 78N G . 16.87 -1.26 -13.66
C12 78N G . 15.63 -1.88 -14.31
C13 78N G . 15.87 -2.05 -15.81
C15 78N G . 15.81 -3.67 -17.72
C14 78N G . 15.66 -3.51 -16.21
O22 78N H . 20.10 0.73 0.09
C19 78N H . 19.17 0.88 -0.95
C18 78N H . 18.25 2.06 -0.65
O20 78N H . 19.00 3.25 -0.75
C17 78N H . 17.10 2.09 -1.66
O16 78N H . 16.00 1.39 -1.16
C8 78N H . 14.84 1.43 -1.97
O15 78N H . 14.80 2.18 -2.89
C7 78N H . 13.66 0.52 -1.67
C6 78N H . 12.53 0.74 -2.68
C5 78N H . 12.75 -0.13 -3.92
C4 78N H . 11.41 -0.60 -4.49
C3 78N H . 11.06 0.17 -5.76
C2 78N H . 10.12 -0.66 -6.63
C1 78N H . 9.28 -0.11 -7.48
C9 78N H . 9.24 1.42 -7.62
C10 78N H . 8.40 1.81 -8.84
C11 78N H . 9.03 1.21 -10.09
C12 78N H . 8.78 2.13 -11.29
C13 78N H . 8.43 1.29 -12.51
C15 78N H . 6.29 2.32 -13.31
C14 78N H . 6.90 1.12 -12.60
O22 78N I . -8.33 -10.22 -2.78
C19 78N I . -8.66 -9.05 -3.47
C18 78N I . -7.79 -7.88 -3.00
O20 78N I . -7.83 -6.90 -3.99
C17 78N I . -8.33 -7.30 -1.69
O16 78N I . -7.37 -6.51 -1.04
C8 78N I . -7.47 -5.14 -1.35
O15 78N I . -8.40 -4.76 -1.97
C7 78N I . -6.39 -4.13 -0.93
C6 78N I . -5.81 -4.42 0.45
C5 78N I . -4.47 -5.11 0.30
C4 78N I . -3.69 -5.07 1.62
C3 78N I . -4.40 -5.92 2.67
C2 78N I . -3.67 -7.26 2.82
C1 78N I . -3.99 -8.10 3.79
C9 78N I . -5.08 -7.78 4.80
C10 78N I . -4.46 -7.16 6.05
C11 78N I . -5.14 -5.82 6.36
C12 78N I . -5.57 -5.78 7.82
C13 78N I . -4.86 -4.62 8.52
C15 78N I . -2.65 -5.66 9.05
C14 78N I . -3.96 -5.15 9.64
O21 78M J . -11.67 4.05 -8.38
C20 78M J . -10.28 4.22 -8.42
C18 78M J . -9.60 2.85 -8.34
O19 78M J . -10.31 2.03 -7.46
C17 78M J . -8.16 3.02 -7.86
O2 78M J . -7.75 4.36 -7.95
C1 78M J . -6.44 4.53 -8.40
O1 78M J . -6.01 3.80 -9.23
C2 78M J . -5.55 5.63 -7.82
C3 78M J . -4.18 5.05 -7.51
C4 78M J . -3.27 6.09 -6.88
C5 78M J . -2.68 6.99 -7.96
C6 78M J . -1.38 7.62 -7.44
C7 78M J . -0.20 6.84 -7.98
C8 78M J . 1.04 7.18 -7.66
C9 78M J . 1.30 8.35 -6.72
C10 78M J . 2.78 8.37 -6.33
C11 78M J . 2.98 9.36 -5.18
C12 78M J . 2.68 10.78 -5.65
C13 78M J . 3.48 11.77 -4.81
C15 78M J . 4.16 14.15 -4.54
C14 78M J . 3.27 13.20 -5.32
O22 78N K . 36.59 -8.80 -15.86
C19 78N K . 35.67 -9.60 -15.18
C18 78N K . 34.27 -9.40 -15.76
O20 78N K . 33.90 -10.56 -16.45
C17 78N K . 33.27 -9.14 -14.64
O16 78N K . 32.03 -9.70 -14.98
C8 78N K . 31.01 -9.37 -14.10
O15 78N K . 31.14 -8.47 -13.34
C7 78N K . 29.71 -10.17 -14.11
C6 78N K . 28.53 -9.24 -14.30
C5 78N K . 27.37 -9.70 -13.42
C4 78N K . 26.32 -10.40 -14.28
C3 78N K . 26.15 -11.84 -13.78
C2 78N K . 25.51 -11.83 -12.40
C1 78N K . 24.20 -11.99 -12.28
C9 78N K . 23.31 -12.20 -13.50
C10 78N K . 22.56 -10.91 -13.79
C11 78N K . 21.30 -10.82 -12.93
C12 78N K . 20.06 -10.73 -13.82
C13 78N K . 19.88 -9.30 -14.34
C15 78N K . 18.24 -7.92 -15.64
C14 78N K . 18.86 -9.30 -15.49
O22 78N L . 2.10 -6.54 -24.39
C19 78N L . 3.45 -6.20 -24.60
C18 78N L . 4.34 -7.39 -24.25
O20 78N L . 4.17 -8.40 -25.20
C17 78N L . 5.80 -6.95 -24.22
O16 78N L . 6.33 -7.18 -22.95
C8 78N L . 7.72 -7.24 -22.89
O15 78N L . 8.39 -6.99 -23.84
C7 78N L . 8.41 -7.63 -21.58
C6 78N L . 9.75 -6.93 -21.46
C5 78N L . 10.49 -7.50 -20.26
C4 78N L . 11.37 -6.41 -19.64
C3 78N L . 12.83 -6.81 -19.78
C2 78N L . 13.36 -7.31 -18.43
C1 78N L . 14.64 -7.56 -18.26
C9 78N L . 15.62 -7.35 -19.42
C10 78N L . 16.98 -7.93 -19.05
C11 78N L . 17.63 -8.54 -20.29
C12 78N L . 18.95 -9.23 -19.90
C13 78N L . 20.08 -8.72 -20.79
C15 78N L . 22.14 -9.36 -22.04
C14 78N L . 21.06 -9.85 -21.08
O22 78N M . 2.34 -9.42 -21.70
C19 78N M . 2.07 -8.08 -21.40
C18 78N M . 3.22 -7.50 -20.57
O20 78N M . 4.43 -8.15 -20.88
C17 78N M . 3.36 -6.01 -20.86
O16 78N M . 4.44 -5.48 -20.14
C8 78N M . 5.22 -4.54 -20.85
O15 78N M . 4.79 -3.98 -21.79
C7 78N M . 6.65 -4.26 -20.37
C6 78N M . 7.24 -3.13 -21.19
C5 78N M . 8.74 -3.04 -20.91
C4 78N M . 9.01 -2.89 -19.42
C3 78N M . 10.47 -2.46 -19.24
C2 78N M . 11.04 -2.99 -17.93
C1 78N M . 12.14 -2.49 -17.41
C9 78N M . 12.91 -1.35 -18.09
C10 78N M . 12.40 0.02 -17.62
C11 78N M . 12.88 0.29 -16.20
C12 78N M . 12.55 1.73 -15.81
C13 78N M . 11.04 1.88 -15.58
C15 78N M . 9.31 3.63 -15.11
C14 78N M . 10.65 3.35 -15.77
O21 78M N . 6.94 -20.39 -29.36
C20 78M N . 8.10 -20.92 -28.77
C18 78M N . 8.47 -20.08 -27.56
O19 78M N . 8.46 -18.73 -27.92
C17 78M N . 9.88 -20.47 -27.06
O2 78M N . 9.81 -21.59 -26.23
C1 78M N . 10.99 -21.85 -25.54
O1 78M N . 11.89 -21.08 -25.60
C2 78M N . 11.15 -23.11 -24.70
C3 78M N . 12.51 -23.10 -24.02
C4 78M N . 12.38 -22.51 -22.60
C5 78M N . 12.71 -23.57 -21.56
C6 78M N . 14.21 -23.56 -21.26
C7 78M N . 14.54 -22.52 -20.19
C8 78M N . 15.78 -22.30 -19.81
C9 78M N . 16.95 -23.07 -20.43
C10 78M N . 18.29 -22.40 -20.09
C11 78M N . 18.58 -22.52 -18.60
C12 78M N . 18.55 -23.98 -18.16
C13 78M N . 19.08 -24.09 -16.73
C15 78M N . 19.85 -25.66 -14.95
C14 78M N . 19.17 -25.56 -16.31
NA NA O . 12.45 -12.62 -6.88
O21 78M P . 3.21 2.63 20.66
C20 78M P . 3.91 3.38 19.71
C18 78M P . 2.98 3.68 18.54
O19 78M P . 3.48 4.76 17.80
C17 78M P . 1.59 4.01 19.09
O2 78M P . 1.07 5.15 18.47
C1 78M P . -0.11 5.63 19.04
O1 78M P . -0.08 6.63 19.69
C2 78M P . -1.44 4.90 18.83
C3 78M P . -2.36 5.75 17.97
C4 78M P . -3.78 5.18 17.95
C5 78M P . -4.71 6.22 17.34
C6 78M P . -6.12 5.64 17.14
C7 78M P . -6.39 5.48 15.64
C8 78M P . -7.59 5.20 15.18
C9 78M P . -8.79 5.03 16.12
C10 78M P . -9.33 3.60 16.04
C11 78M P . -10.59 3.45 16.88
C12 78M P . -10.31 3.79 18.35
C13 78M P . -9.39 2.75 18.98
C15 78M P . -7.93 2.26 20.94
C14 78M P . -9.06 3.14 20.42
O21 78M Q . -13.15 -7.71 -2.96
C20 78M Q . -12.09 -8.13 -2.14
C18 78M Q . -12.26 -7.55 -0.74
O19 78M Q . -11.16 -6.76 -0.42
C17 78M Q . -12.38 -8.68 0.28
O2 78M Q . -11.91 -8.27 1.52
C1 78M Q . -12.73 -8.64 2.58
O1 78M Q . -13.91 -8.63 2.44
C2 78M Q . -12.14 -9.06 3.92
C3 78M Q . -12.83 -8.36 5.08
C4 78M Q . -12.86 -9.23 6.33
C5 78M Q . -13.96 -8.74 7.29
C6 78M Q . -13.44 -8.66 8.73
C7 78M Q . -13.36 -10.06 9.35
C8 78M Q . -12.80 -10.26 10.53
C9 78M Q . -12.21 -9.10 11.34
C10 78M Q . -11.24 -9.62 12.39
C11 78M Q . -9.81 -9.28 11.97
C12 78M Q . -8.90 -9.26 13.20
C13 78M Q . -7.43 -9.11 12.79
C15 78M Q . -5.91 -7.14 12.64
C14 78M Q . -7.19 -7.77 12.12
O21 78M R . -21.85 -10.69 5.70
C20 78M R . -20.47 -10.71 5.96
C18 78M R . -19.90 -9.29 6.01
O19 78M R . -18.65 -9.29 5.36
C17 78M R . -19.68 -8.85 7.45
O2 78M R . -20.44 -7.71 7.73
C1 78M R . -19.69 -6.53 7.74
O1 78M R . -18.54 -6.58 7.99
C2 78M R . -20.36 -5.19 7.41
C3 78M R . -19.78 -4.05 8.24
C4 78M R . -18.49 -3.51 7.63
C5 78M R . -18.58 -2.00 7.45
C6 78M R . -17.23 -1.35 7.71
C7 78M R . -16.91 -0.35 6.59
C8 78M R . -16.05 0.63 6.78
C9 78M R . -15.34 0.80 8.13
C10 78M R . -14.03 1.53 7.94
C11 78M R . -12.99 0.60 7.31
C12 78M R . -12.68 -0.56 8.25
C13 78M R . -12.95 -1.89 7.56
C15 78M R . -13.45 -4.31 7.96
C14 78M R . -13.41 -2.92 8.59
O21 78M S . 9.14 3.59 17.07
C20 78M S . 8.84 2.54 16.19
C18 78M S . 7.45 2.76 15.61
O19 78M S . 6.59 1.74 16.05
C17 78M S . 7.54 2.76 14.08
O2 78M S . 8.56 3.64 13.71
C1 78M S . 8.40 4.24 12.45
O1 78M S . 7.43 4.87 12.22
C2 78M S . 9.48 4.06 11.38
C3 78M S . 8.86 3.83 10.00
C4 78M S . 9.96 3.36 9.04
C5 78M S . 9.32 2.76 7.79
C6 78M S . 8.66 1.41 8.10
C7 78M S . 9.71 0.32 8.14
C8 78M S . 9.54 -0.83 7.50
C9 78M S . 8.28 -1.11 6.68
C10 78M S . 8.46 -2.41 5.90
C11 78M S . 7.23 -2.70 5.05
C12 78M S . 6.09 -3.21 5.93
C13 78M S . 4.79 -3.31 5.13
C15 78M S . 2.39 -4.02 5.24
C14 78M S . 3.68 -3.82 6.03
ZN ZN T . -22.23 -0.44 -7.10
C1 CIT U . -23.05 -5.89 -13.16
O1 CIT U . -24.30 -6.03 -13.05
O2 CIT U . -22.57 -5.35 -14.19
C2 CIT U . -22.12 -6.37 -12.04
C3 CIT U . -21.63 -5.22 -11.17
O7 CIT U . -21.12 -5.74 -9.97
C4 CIT U . -22.78 -4.26 -10.86
C5 CIT U . -22.52 -3.50 -9.57
O3 CIT U . -22.94 -2.33 -9.42
O4 CIT U . -21.87 -4.05 -8.63
C6 CIT U . -20.51 -4.46 -11.89
O5 CIT U . -20.78 -3.68 -12.84
O6 CIT U . -19.31 -4.61 -11.53
C ACT V . -18.88 1.07 -7.38
O ACT V . -20.06 1.05 -6.95
OXT ACT V . -18.03 1.51 -6.58
CH3 ACT V . -18.51 0.58 -8.75
O22 78N W . 2.97 -18.12 11.28
C19 78N W . 3.49 -17.99 12.58
C18 78N W . 4.94 -18.49 12.62
O20 78N W . 5.27 -18.86 13.93
C17 78N W . 5.10 -19.70 11.69
O16 78N W . 5.32 -19.23 10.38
C8 78N W . 5.88 -20.20 9.53
O15 78N W . 7.04 -20.40 9.55
C7 78N W . 4.98 -20.98 8.56
C6 78N W . 4.85 -20.26 7.22
C5 78N W . 4.19 -18.91 7.43
C4 78N W . 3.32 -18.52 6.23
C3 78N W . 1.88 -18.98 6.47
C2 78N W . 0.92 -18.00 5.78
C1 78N W . -0.32 -18.36 5.49
C9 78N W . -0.79 -19.77 5.84
C10 78N W . -2.29 -19.89 5.67
C11 78N W . -2.69 -21.36 5.62
C12 78N W . -4.09 -21.56 6.20
C13 78N W . -5.14 -20.96 5.26
C15 78N W . -7.59 -20.60 4.91
C14 78N W . -6.52 -21.06 5.90
#